data_9DQB
#
_entry.id   9DQB
#
_cell.length_a   1.00
_cell.length_b   1.00
_cell.length_c   1.00
_cell.angle_alpha   90.00
_cell.angle_beta   90.00
_cell.angle_gamma   90.00
#
_symmetry.space_group_name_H-M   'P 1'
#
loop_
_entity.id
_entity.type
_entity.pdbx_description
1 polymer 'SUMO-conjugating enzyme UBC9'
2 polymer 'Small ubiquitin-related modifier 1'
3 polymer 'Small ubiquitin-related modifier 1'
4 polymer 'SUMO-activating enzyme subunit 1'
5 polymer 'SUMO-activating enzyme subunit 2'
6 non-polymer 'ADENOSINE MONOPHOSPHATE'
7 non-polymer 'ZINC ION'
#
loop_
_entity_poly.entity_id
_entity_poly.type
_entity_poly.pdbx_seq_one_letter_code
_entity_poly.pdbx_strand_id
1 'polypeptide(L)'
;MGSSHHHHHHSSGLVPRGSHMSGIALSRLAQERKAWRKDHPAQFSAVPTKNPDGTMNLMNWECAIPGKKGTPWEGGLFKL
RMLFKDDYPSSPPKCKFEPPLFHPNVYPSGTVCLSILEEDKDWRPAITIKQILLGIQELLNEPNIQDPKQAEAYTIYSQN
RVEYEKRVRAQARKFAPS
;
C
2 'polypeptide(L)'
;MGSSHHHHHHSSGLVPRGSHMSDQEAKPSTEDLGDKKEGEYIKLKVIGQDSSEIHFKVKMTTHLKKLKESYCQRQGVPMN
SLRFLFEGQRIADNHTPKELGMEEEDVIEVYQEQTGG
;
D
3 'polypeptide(L)'
;MGSSHHHHHHSSGLVPRGSHMSDQEAKPSTEDLGDKKEGEYIKLKVIGQDSSEIHFKVKMTTHLKKLKESYAQRQGVPMN
SLRFLFEGQRIADNHTPKELGMEEEDVIEVYQEQTGG
;
G
4 'polypeptide(L)'
;MGSSHHHHHHSSGLVPRGSHMVEKEEAGGGISEEEAAQYDRQIRLWGLEAQKRLRASRVLLVGLKGLGAEIAKNLILAGV
KGLTMLDHEQVTPEDPGAQFLIRTGSVGRNRAEASLERAQNLNPMVDVKVDTEDIEKKPESFFTQFDAVCLTCCSRDVIV
KVDQICHKNSIKFFTGDVFGYHGYTFANLGEHEFVEEKTKVAKVSQGVEDGPDTKRAKLDSSETTMVKKKVVFCPVKEAL
EVDWSSEKAKAALKRTTSDYFLLQVLLKFRTDKGRDPSSDTYEEDSELLLQIRNDVLDSLGISPDLLPEDFVRYCFSEMA
PVCAVVGGILAQEIVKALSQRDPPHNNFFFFDGMKGNGIVECLGPK
;
A
5 'polypeptide(L)'
;MALSRGLPRELAEAVAGGRVLVVGAGGIGCELLKNLVLTGFSHIDLIDLDTIDVSNLNRQFLFQKKHVGRSKAQVAKESV
LQFYPKANIVAYHDSIMNPDYNVEFFRQFILVMNALDNRAARNHVNRMCLAADVPLIESGTAGYLGQVTTIKKGVTECYE
CHPKPTQRTFPGCTIRNTPSEPIHCIVWAKYLFNQLFGEEDADQEVSPDRADPEAAWEPTEAEARARASNEDGDIKRIST
KEWAKSTGYDPVKLFTKLFKDDIRYLLTMDKLWRKRKPPVPLDWAEVQSQGEETNASDQQNEPQLGLKDQQVLDVKSYAR
LFSKSIETLRVHLAEKGDGAELIWDKDDPSAMDFVTSAANLRMHIFSMNMKSRFDIKSMAGNIIPAIATTNAVIAGLIVL
EGLKILSGKIDQCRTIFLNKQPNPRKKLLVPCALDPPNPNCYVCASKPEVTVRLNVHKVTVLTLQDKIVKEKFAMVAPDV
QIEDGKGTILISSEEGETEANNHKKLSEFGIRNGSRLQADDFLQDYTLLINILHSEDLGKDVEFEVVG
;
B
#
loop_
_chem_comp.id
_chem_comp.type
_chem_comp.name
_chem_comp.formula
AMP non-polymer 'ADENOSINE MONOPHOSPHATE' 'C10 H14 N5 O7 P'
ZN non-polymer 'ZINC ION' 'Zn 2'
#
# COMPACT_ATOMS: atom_id res chain seq x y z
N MET A 21 -13.81 -0.89 -3.58
CA MET A 21 -13.87 -0.44 -4.96
C MET A 21 -13.73 1.08 -5.04
N SER A 22 -12.77 1.54 -5.82
CA SER A 22 -12.48 2.97 -5.90
C SER A 22 -13.62 3.72 -6.59
N GLY A 23 -13.91 4.91 -6.06
CA GLY A 23 -14.96 5.73 -6.65
C GLY A 23 -14.62 6.20 -8.06
N ILE A 24 -13.33 6.40 -8.32
CA ILE A 24 -12.90 6.78 -9.67
C ILE A 24 -13.31 5.71 -10.67
N ALA A 25 -13.13 4.44 -10.29
CA ALA A 25 -13.55 3.34 -11.16
C ALA A 25 -15.04 3.38 -11.42
N LEU A 26 -15.83 3.64 -10.38
CA LEU A 26 -17.28 3.69 -10.53
C LEU A 26 -17.70 4.81 -11.48
N SER A 27 -17.18 6.02 -11.27
CA SER A 27 -17.52 7.13 -12.13
C SER A 27 -17.07 6.89 -13.57
N ARG A 28 -15.86 6.35 -13.74
CA ARG A 28 -15.35 6.07 -15.07
C ARG A 28 -16.23 5.04 -15.78
N LEU A 29 -16.64 3.99 -15.05
CA LEU A 29 -17.49 2.97 -15.65
C LEU A 29 -18.85 3.53 -16.02
N ALA A 30 -19.39 4.43 -15.19
CA ALA A 30 -20.65 5.09 -15.54
C ALA A 30 -20.50 5.90 -16.82
N GLN A 31 -19.39 6.64 -16.94
CA GLN A 31 -19.15 7.40 -18.16
C GLN A 31 -19.00 6.49 -19.37
N GLU A 32 -18.30 5.36 -19.19
CA GLU A 32 -18.15 4.40 -20.29
C GLU A 32 -19.50 3.83 -20.71
N ARG A 33 -20.36 3.51 -19.75
CA ARG A 33 -21.67 2.99 -20.09
C ARG A 33 -22.49 4.03 -20.85
N LYS A 34 -22.44 5.29 -20.41
CA LYS A 34 -23.15 6.34 -21.12
C LYS A 34 -22.63 6.48 -22.55
N ALA A 35 -21.31 6.50 -22.71
CA ALA A 35 -20.73 6.65 -24.04
C ALA A 35 -21.09 5.47 -24.94
N TRP A 36 -21.05 4.26 -24.38
CA TRP A 36 -21.37 3.08 -25.17
C TRP A 36 -22.83 3.08 -25.61
N ARG A 37 -23.74 3.46 -24.72
CA ARG A 37 -25.14 3.55 -25.12
C ARG A 37 -25.35 4.64 -26.15
N LYS A 38 -24.66 5.78 -26.01
CA LYS A 38 -24.77 6.85 -26.99
C LYS A 38 -24.23 6.42 -28.35
N ASP A 39 -23.14 5.65 -28.37
CA ASP A 39 -22.56 5.21 -29.63
C ASP A 39 -21.84 3.89 -29.39
N HIS A 40 -22.14 2.89 -30.22
CA HIS A 40 -21.51 1.58 -30.15
C HIS A 40 -21.64 0.91 -31.50
N PRO A 41 -20.76 -0.02 -31.82
CA PRO A 41 -20.86 -0.72 -33.11
C PRO A 41 -22.14 -1.56 -33.20
N ALA A 42 -22.57 -1.78 -34.43
CA ALA A 42 -23.83 -2.47 -34.67
C ALA A 42 -23.79 -3.90 -34.14
N GLN A 43 -24.94 -4.37 -33.67
CA GLN A 43 -25.19 -5.72 -33.16
C GLN A 43 -24.15 -6.16 -32.14
N PHE A 44 -23.45 -5.22 -31.53
CA PHE A 44 -22.62 -5.52 -30.38
C PHE A 44 -23.42 -5.34 -29.09
N SER A 45 -22.97 -6.04 -28.05
CA SER A 45 -23.63 -5.96 -26.75
C SER A 45 -22.58 -5.76 -25.67
N ALA A 46 -22.86 -4.82 -24.77
CA ALA A 46 -22.01 -4.59 -23.60
C ALA A 46 -22.87 -3.97 -22.51
N VAL A 47 -23.29 -4.79 -21.55
CA VAL A 47 -24.14 -4.32 -20.46
C VAL A 47 -23.61 -4.88 -19.15
N PRO A 48 -23.84 -4.16 -18.06
CA PRO A 48 -23.53 -4.71 -16.73
C PRO A 48 -24.41 -5.90 -16.42
N THR A 49 -23.88 -6.82 -15.63
CA THR A 49 -24.54 -8.10 -15.39
C THR A 49 -25.75 -7.94 -14.48
N LYS A 50 -26.80 -8.70 -14.78
CA LYS A 50 -27.97 -8.75 -13.91
C LYS A 50 -27.60 -9.36 -12.57
N ASN A 51 -27.60 -8.53 -11.52
CA ASN A 51 -27.37 -9.04 -10.19
C ASN A 51 -28.55 -9.92 -9.77
N PRO A 52 -28.30 -10.86 -8.83
CA PRO A 52 -29.40 -11.73 -8.39
C PRO A 52 -30.61 -10.98 -7.85
N ASP A 53 -30.40 -9.80 -7.27
CA ASP A 53 -31.49 -8.98 -6.78
C ASP A 53 -32.22 -8.22 -7.90
N GLY A 54 -31.67 -8.19 -9.10
CA GLY A 54 -32.28 -7.50 -10.22
C GLY A 54 -31.53 -6.30 -10.73
N THR A 55 -30.59 -5.76 -9.95
CA THR A 55 -29.81 -4.62 -10.40
C THR A 55 -28.69 -5.07 -11.33
N MET A 56 -27.92 -4.09 -11.82
CA MET A 56 -26.74 -4.38 -12.63
C MET A 56 -25.51 -3.80 -11.95
N ASN A 57 -24.46 -4.60 -11.86
CA ASN A 57 -23.18 -4.16 -11.30
C ASN A 57 -22.29 -3.72 -12.46
N LEU A 58 -21.91 -2.44 -12.46
CA LEU A 58 -21.13 -1.89 -13.57
C LEU A 58 -19.69 -2.38 -13.56
N MET A 59 -19.26 -3.03 -12.47
CA MET A 59 -17.88 -3.49 -12.37
C MET A 59 -17.67 -4.88 -12.95
N ASN A 60 -18.71 -5.52 -13.47
CA ASN A 60 -18.59 -6.85 -14.03
C ASN A 60 -19.68 -6.96 -15.09
N TRP A 61 -19.30 -7.27 -16.34
CA TRP A 61 -20.15 -7.02 -17.50
C TRP A 61 -20.37 -8.28 -18.32
N GLU A 62 -21.53 -8.34 -18.98
CA GLU A 62 -21.79 -9.30 -20.04
C GLU A 62 -21.62 -8.62 -21.39
N CYS A 63 -20.85 -9.24 -22.27
CA CYS A 63 -20.65 -8.73 -23.62
C CYS A 63 -20.75 -9.87 -24.61
N ALA A 64 -21.16 -9.53 -25.82
CA ALA A 64 -21.27 -10.51 -26.89
C ALA A 64 -20.72 -9.89 -28.17
N ILE A 65 -19.79 -10.58 -28.81
CA ILE A 65 -19.07 -10.06 -29.96
C ILE A 65 -19.54 -10.81 -31.20
N PRO A 66 -20.12 -10.13 -32.18
CA PRO A 66 -20.46 -10.80 -33.44
C PRO A 66 -19.24 -10.96 -34.33
N GLY A 67 -19.37 -11.81 -35.35
CA GLY A 67 -18.30 -12.00 -36.31
C GLY A 67 -18.18 -10.86 -37.28
N LYS A 68 -17.16 -10.92 -38.15
CA LYS A 68 -16.93 -9.88 -39.15
C LYS A 68 -17.22 -10.45 -40.53
N LYS A 69 -17.58 -9.57 -41.45
CA LYS A 69 -18.03 -9.95 -42.79
C LYS A 69 -16.99 -10.81 -43.50
N GLY A 70 -17.44 -11.91 -44.08
CA GLY A 70 -16.57 -12.83 -44.80
C GLY A 70 -15.65 -13.67 -43.95
N THR A 71 -15.47 -13.32 -42.68
CA THR A 71 -14.57 -14.07 -41.83
C THR A 71 -15.20 -15.42 -41.45
N PRO A 72 -14.37 -16.41 -41.10
CA PRO A 72 -14.91 -17.70 -40.66
C PRO A 72 -15.81 -17.60 -39.43
N TRP A 73 -15.61 -16.57 -38.60
CA TRP A 73 -16.43 -16.38 -37.41
C TRP A 73 -17.69 -15.58 -37.68
N GLU A 74 -17.96 -15.22 -38.92
CA GLU A 74 -19.16 -14.46 -39.24
C GLU A 74 -20.41 -15.26 -38.91
N GLY A 75 -21.44 -14.56 -38.45
CA GLY A 75 -22.68 -15.18 -38.04
C GLY A 75 -22.75 -15.57 -36.57
N GLY A 76 -21.65 -16.00 -35.98
CA GLY A 76 -21.64 -16.30 -34.56
C GLY A 76 -21.69 -15.04 -33.72
N LEU A 77 -22.23 -15.19 -32.51
CA LEU A 77 -22.34 -14.08 -31.56
C LEU A 77 -21.74 -14.58 -30.25
N PHE A 78 -20.44 -14.36 -30.09
CA PHE A 78 -19.69 -15.00 -29.01
C PHE A 78 -19.83 -14.19 -27.72
N LYS A 79 -20.39 -14.83 -26.70
CA LYS A 79 -20.59 -14.20 -25.40
C LYS A 79 -19.27 -14.05 -24.66
N LEU A 80 -19.10 -12.93 -23.97
CA LEU A 80 -17.86 -12.65 -23.25
C LEU A 80 -18.16 -11.88 -21.97
N ARG A 81 -17.60 -12.35 -20.86
CA ARG A 81 -17.67 -11.61 -19.61
C ARG A 81 -16.35 -10.91 -19.36
N MET A 82 -16.43 -9.68 -18.84
CA MET A 82 -15.24 -8.92 -18.47
C MET A 82 -15.34 -8.50 -17.02
N LEU A 83 -14.22 -8.56 -16.32
CA LEU A 83 -14.14 -8.27 -14.90
C LEU A 83 -13.31 -7.01 -14.67
N PHE A 84 -13.87 -6.06 -13.94
CA PHE A 84 -13.16 -4.85 -13.57
C PHE A 84 -12.77 -4.94 -12.10
N LYS A 85 -11.48 -4.76 -11.81
CA LYS A 85 -11.03 -4.75 -10.43
C LYS A 85 -10.93 -3.32 -9.91
N ASP A 86 -10.61 -3.19 -8.62
CA ASP A 86 -10.68 -1.90 -7.95
C ASP A 86 -9.68 -0.89 -8.49
N ASP A 87 -8.67 -1.34 -9.23
CA ASP A 87 -7.64 -0.43 -9.70
C ASP A 87 -7.98 0.19 -11.05
N TYR A 88 -9.11 -0.15 -11.65
CA TYR A 88 -9.49 0.45 -12.91
C TYR A 88 -9.69 1.94 -12.73
N PRO A 89 -9.25 2.78 -13.69
CA PRO A 89 -8.63 2.46 -14.98
C PRO A 89 -7.12 2.30 -14.94
N SER A 90 -6.48 2.36 -13.77
CA SER A 90 -5.05 2.09 -13.72
C SER A 90 -4.76 0.64 -14.14
N SER A 91 -5.62 -0.29 -13.74
CA SER A 91 -5.50 -1.68 -14.12
C SER A 91 -6.49 -2.02 -15.22
N PRO A 92 -6.12 -2.94 -16.12
CA PRO A 92 -7.02 -3.33 -17.20
C PRO A 92 -8.10 -4.27 -16.69
N PRO A 93 -9.22 -4.37 -17.41
CA PRO A 93 -10.22 -5.37 -17.06
C PRO A 93 -9.84 -6.75 -17.56
N LYS A 94 -10.28 -7.76 -16.83
CA LYS A 94 -10.01 -9.15 -17.15
C LYS A 94 -11.24 -9.73 -17.85
N CYS A 95 -11.08 -10.07 -19.12
CA CYS A 95 -12.17 -10.56 -19.95
C CYS A 95 -12.13 -12.07 -20.05
N LYS A 96 -13.29 -12.66 -20.36
CA LYS A 96 -13.42 -14.11 -20.39
C LYS A 96 -14.66 -14.46 -21.19
N PHE A 97 -14.53 -15.41 -22.12
CA PHE A 97 -15.69 -15.89 -22.87
C PHE A 97 -16.39 -16.99 -22.08
N GLU A 98 -17.72 -16.90 -21.99
CA GLU A 98 -18.52 -17.95 -21.38
C GLU A 98 -19.51 -18.48 -22.40
N PRO A 99 -19.42 -19.75 -22.80
CA PRO A 99 -18.39 -20.73 -22.44
C PRO A 99 -17.09 -20.50 -23.20
N PRO A 100 -15.98 -21.09 -22.75
CA PRO A 100 -14.72 -20.95 -23.49
C PRO A 100 -14.82 -21.49 -24.90
N LEU A 101 -14.08 -20.89 -25.84
CA LEU A 101 -14.17 -21.29 -27.23
C LEU A 101 -12.80 -21.74 -27.74
N PHE A 102 -12.81 -22.28 -28.96
CA PHE A 102 -11.65 -22.92 -29.57
C PHE A 102 -10.82 -21.89 -30.32
N HIS A 103 -9.99 -21.16 -29.58
CA HIS A 103 -9.08 -20.19 -30.19
C HIS A 103 -7.73 -20.27 -29.48
N PRO A 104 -6.63 -20.09 -30.22
CA PRO A 104 -5.30 -20.23 -29.58
C PRO A 104 -5.04 -19.24 -28.46
N ASN A 105 -5.55 -18.03 -28.54
CA ASN A 105 -5.18 -16.97 -27.61
C ASN A 105 -6.09 -16.91 -26.38
N VAL A 106 -7.01 -17.85 -26.21
CA VAL A 106 -7.91 -17.86 -25.05
C VAL A 106 -7.60 -19.10 -24.22
N TYR A 107 -7.38 -18.90 -22.94
CA TYR A 107 -7.25 -20.00 -22.00
C TYR A 107 -8.57 -20.76 -21.94
N PRO A 108 -8.52 -22.09 -22.12
CA PRO A 108 -9.76 -22.89 -22.09
C PRO A 108 -10.59 -22.76 -20.82
N SER A 109 -10.12 -22.01 -19.82
CA SER A 109 -11.04 -21.60 -18.76
C SER A 109 -11.92 -20.43 -19.19
N GLY A 110 -11.65 -19.84 -20.36
CA GLY A 110 -12.45 -18.78 -20.91
C GLY A 110 -11.76 -17.43 -21.00
N THR A 111 -10.78 -17.15 -20.14
CA THR A 111 -10.15 -15.84 -20.13
C THR A 111 -9.28 -15.66 -21.38
N VAL A 112 -9.18 -14.41 -21.83
CA VAL A 112 -8.43 -14.06 -23.03
C VAL A 112 -7.38 -13.02 -22.67
N CYS A 113 -6.28 -13.02 -23.41
CA CYS A 113 -5.17 -12.12 -23.17
C CYS A 113 -4.75 -11.43 -24.46
N LEU A 114 -4.46 -10.13 -24.37
CA LEU A 114 -3.89 -9.37 -25.46
C LEU A 114 -3.18 -8.16 -24.87
N SER A 115 -2.28 -7.57 -25.66
CA SER A 115 -1.55 -6.39 -25.20
C SER A 115 -2.48 -5.22 -24.90
N ILE A 116 -3.68 -5.22 -25.46
CA ILE A 116 -4.60 -4.11 -25.26
C ILE A 116 -5.01 -4.01 -23.79
N LEU A 117 -5.17 -5.14 -23.12
CA LEU A 117 -5.63 -5.19 -21.74
C LEU A 117 -4.62 -5.86 -20.82
N GLU A 118 -3.34 -5.71 -21.11
CA GLU A 118 -2.27 -6.23 -20.26
C GLU A 118 -1.43 -5.05 -19.82
N GLU A 119 -1.03 -5.05 -18.54
CA GLU A 119 -0.44 -3.85 -17.94
C GLU A 119 0.85 -3.43 -18.63
N ASP A 120 1.78 -4.36 -18.80
CA ASP A 120 3.15 -4.02 -19.15
C ASP A 120 3.36 -3.68 -20.62
N LYS A 121 2.35 -3.84 -21.48
CA LYS A 121 2.59 -3.57 -22.90
C LYS A 121 1.87 -2.33 -23.42
N ASP A 122 0.54 -2.31 -23.37
CA ASP A 122 -0.19 -1.25 -24.06
C ASP A 122 -1.33 -0.67 -23.22
N TRP A 123 -1.69 -1.29 -22.11
CA TRP A 123 -2.86 -0.86 -21.34
C TRP A 123 -2.78 0.61 -20.96
N ARG A 124 -3.67 1.42 -21.54
CA ARG A 124 -3.75 2.84 -21.26
C ARG A 124 -5.06 3.12 -20.54
N PRO A 125 -5.05 3.80 -19.40
CA PRO A 125 -6.30 4.07 -18.67
C PRO A 125 -7.30 4.86 -19.50
N ALA A 126 -6.81 5.64 -20.46
CA ALA A 126 -7.69 6.51 -21.24
C ALA A 126 -8.55 5.74 -22.23
N ILE A 127 -8.25 4.47 -22.51
CA ILE A 127 -9.00 3.76 -23.53
C ILE A 127 -10.39 3.41 -23.01
N THR A 128 -11.30 3.14 -23.95
CA THR A 128 -12.70 2.93 -23.64
C THR A 128 -13.11 1.51 -23.95
N ILE A 129 -14.36 1.18 -23.61
CA ILE A 129 -14.93 -0.15 -23.78
C ILE A 129 -15.03 -0.51 -25.25
N LYS A 130 -15.43 0.46 -26.07
CA LYS A 130 -15.65 0.19 -27.49
C LYS A 130 -14.37 -0.29 -28.18
N GLN A 131 -13.25 0.39 -27.91
CA GLN A 131 -12.02 0.05 -28.61
C GLN A 131 -11.45 -1.28 -28.14
N ILE A 132 -11.56 -1.58 -26.85
CA ILE A 132 -11.07 -2.88 -26.39
C ILE A 132 -11.96 -4.00 -26.93
N LEU A 133 -13.26 -3.78 -27.01
CA LEU A 133 -14.14 -4.77 -27.62
C LEU A 133 -13.79 -5.00 -29.09
N LEU A 134 -13.52 -3.91 -29.82
CA LEU A 134 -13.05 -4.05 -31.20
C LEU A 134 -11.73 -4.80 -31.25
N GLY A 135 -10.88 -4.59 -30.24
CA GLY A 135 -9.62 -5.32 -30.18
C GLY A 135 -9.82 -6.81 -30.03
N ILE A 136 -10.76 -7.20 -29.16
CA ILE A 136 -11.07 -8.62 -29.02
C ILE A 136 -11.66 -9.17 -30.32
N GLN A 137 -12.49 -8.37 -30.99
CA GLN A 137 -13.06 -8.82 -32.26
C GLN A 137 -11.96 -9.09 -33.29
N GLU A 138 -11.02 -8.16 -33.44
CA GLU A 138 -9.96 -8.36 -34.42
C GLU A 138 -8.98 -9.43 -33.97
N LEU A 139 -8.83 -9.63 -32.66
CA LEU A 139 -8.03 -10.76 -32.17
C LEU A 139 -8.67 -12.07 -32.60
N LEU A 140 -9.99 -12.17 -32.45
CA LEU A 140 -10.68 -13.36 -32.94
C LEU A 140 -10.50 -13.51 -34.44
N ASN A 141 -10.53 -12.39 -35.17
CA ASN A 141 -10.26 -12.44 -36.60
C ASN A 141 -8.78 -12.66 -36.92
N GLU A 142 -7.90 -12.53 -35.92
CA GLU A 142 -6.45 -12.66 -36.12
C GLU A 142 -5.89 -13.67 -35.13
N PRO A 143 -6.03 -14.97 -35.41
CA PRO A 143 -5.37 -15.98 -34.56
C PRO A 143 -3.87 -16.00 -34.77
N ASN A 144 -3.11 -15.63 -33.75
CA ASN A 144 -1.67 -15.46 -33.88
C ASN A 144 -0.94 -16.73 -33.42
N ILE A 145 0.33 -16.83 -33.82
CA ILE A 145 1.15 -17.99 -33.51
C ILE A 145 2.27 -17.59 -32.56
N GLN A 146 2.70 -16.34 -32.64
CA GLN A 146 3.83 -15.85 -31.86
C GLN A 146 3.52 -15.72 -30.38
N ASP A 147 2.25 -15.74 -29.99
CA ASP A 147 1.88 -15.66 -28.58
C ASP A 147 0.80 -16.67 -28.25
N PRO A 148 1.12 -17.97 -28.26
CA PRO A 148 0.09 -18.97 -27.95
C PRO A 148 -0.27 -18.95 -26.46
N LYS A 149 -1.57 -18.94 -26.19
CA LYS A 149 -2.08 -19.02 -24.83
C LYS A 149 -2.89 -20.28 -24.58
N GLN A 150 -2.92 -21.19 -25.56
CA GLN A 150 -3.64 -22.44 -25.45
C GLN A 150 -2.95 -23.45 -26.36
N ALA A 151 -3.17 -24.74 -26.10
CA ALA A 151 -2.45 -25.76 -26.84
C ALA A 151 -3.24 -26.34 -28.01
N GLU A 152 -4.44 -26.87 -27.75
CA GLU A 152 -5.16 -27.61 -28.78
C GLU A 152 -5.44 -26.74 -30.00
N ALA A 153 -6.05 -25.58 -29.79
CA ALA A 153 -6.34 -24.70 -30.91
C ALA A 153 -5.05 -24.27 -31.60
N TYR A 154 -3.99 -24.02 -30.82
CA TYR A 154 -2.72 -23.61 -31.40
C TYR A 154 -2.18 -24.69 -32.33
N THR A 155 -2.15 -25.95 -31.89
CA THR A 155 -1.55 -27.00 -32.71
C THR A 155 -2.41 -27.30 -33.93
N ILE A 156 -3.73 -27.30 -33.76
CA ILE A 156 -4.60 -27.53 -34.92
C ILE A 156 -4.43 -26.42 -35.95
N TYR A 157 -4.45 -25.16 -35.49
CA TYR A 157 -4.33 -24.04 -36.43
C TYR A 157 -2.94 -24.01 -37.07
N SER A 158 -1.93 -24.49 -36.35
CA SER A 158 -0.58 -24.50 -36.91
C SER A 158 -0.35 -25.64 -37.89
N GLN A 159 -1.00 -26.79 -37.70
CA GLN A 159 -0.68 -27.97 -38.49
C GLN A 159 -1.83 -28.25 -39.45
N ASN A 160 -3.06 -28.44 -38.97
CA ASN A 160 -4.16 -28.88 -39.84
C ASN A 160 -5.14 -27.71 -39.89
N ARG A 161 -5.03 -26.93 -40.97
CA ARG A 161 -5.82 -25.71 -41.09
C ARG A 161 -7.28 -26.00 -41.38
N VAL A 162 -7.57 -27.06 -42.15
CA VAL A 162 -8.94 -27.33 -42.57
C VAL A 162 -9.81 -27.74 -41.39
N GLU A 163 -9.27 -28.57 -40.49
CA GLU A 163 -10.02 -28.94 -39.29
C GLU A 163 -10.24 -27.73 -38.39
N TYR A 164 -9.24 -26.84 -38.31
CA TYR A 164 -9.41 -25.61 -37.55
C TYR A 164 -10.55 -24.77 -38.13
N GLU A 165 -10.60 -24.66 -39.46
CA GLU A 165 -11.67 -23.90 -40.10
C GLU A 165 -13.03 -24.54 -39.83
N LYS A 166 -13.10 -25.87 -39.92
CA LYS A 166 -14.35 -26.57 -39.66
C LYS A 166 -14.81 -26.35 -38.23
N ARG A 167 -13.88 -26.42 -37.28
CA ARG A 167 -14.23 -26.19 -35.88
C ARG A 167 -14.64 -24.75 -35.64
N VAL A 168 -14.02 -23.80 -36.34
CA VAL A 168 -14.42 -22.39 -36.22
C VAL A 168 -15.85 -22.20 -36.72
N ARG A 169 -16.17 -22.84 -37.86
CA ARG A 169 -17.54 -22.76 -38.37
C ARG A 169 -18.52 -23.40 -37.40
N ALA A 170 -18.15 -24.54 -36.82
CA ALA A 170 -19.02 -25.21 -35.85
C ALA A 170 -19.26 -24.31 -34.63
N GLN A 171 -18.21 -23.63 -34.16
CA GLN A 171 -18.38 -22.69 -33.06
C GLN A 171 -19.28 -21.53 -33.47
N ALA A 172 -19.10 -21.01 -34.69
CA ALA A 172 -19.89 -19.88 -35.14
C ALA A 172 -21.37 -20.23 -35.18
N ARG A 173 -21.71 -21.42 -35.68
CA ARG A 173 -23.09 -21.86 -35.62
C ARG A 173 -23.52 -22.20 -34.20
N LYS A 174 -22.56 -22.54 -33.33
CA LYS A 174 -22.91 -22.89 -31.95
C LYS A 174 -23.34 -21.67 -31.14
N PHE A 175 -22.70 -20.51 -31.37
CA PHE A 175 -23.04 -19.28 -30.67
C PHE A 175 -23.79 -18.30 -31.56
N ALA A 176 -24.56 -18.81 -32.52
CA ALA A 176 -25.38 -17.95 -33.34
C ALA A 176 -26.50 -17.34 -32.50
N PRO A 177 -26.91 -16.10 -32.78
CA PRO A 177 -27.97 -15.44 -32.02
C PRO A 177 -29.32 -16.12 -32.18
N TYR B 41 21.83 17.13 -24.13
CA TYR B 41 21.03 16.76 -22.97
C TYR B 41 21.59 17.43 -21.72
N ILE B 42 20.70 17.76 -20.77
CA ILE B 42 21.06 18.49 -19.57
C ILE B 42 20.79 17.63 -18.35
N LYS B 43 21.80 17.50 -17.50
CA LYS B 43 21.88 16.41 -16.54
C LYS B 43 21.21 16.85 -15.23
N LEU B 44 20.56 15.91 -14.55
CA LEU B 44 20.02 16.15 -13.22
C LEU B 44 20.08 14.86 -12.42
N LYS B 45 20.04 15.01 -11.09
CA LYS B 45 20.13 13.90 -10.15
C LYS B 45 18.80 13.72 -9.43
N VAL B 46 18.37 12.47 -9.26
CA VAL B 46 17.21 12.16 -8.44
C VAL B 46 17.63 11.15 -7.36
N ILE B 47 17.47 11.54 -6.10
CA ILE B 47 17.83 10.70 -4.96
C ILE B 47 16.55 10.26 -4.27
N GLY B 48 16.43 8.96 -4.03
CA GLY B 48 15.19 8.42 -3.51
C GLY B 48 15.00 8.66 -2.03
N GLN B 49 13.76 8.45 -1.58
CA GLN B 49 13.44 8.57 -0.16
C GLN B 49 14.19 7.53 0.68
N ASP B 50 14.48 6.36 0.10
CA ASP B 50 15.27 5.34 0.78
C ASP B 50 16.76 5.46 0.49
N SER B 51 17.25 6.68 0.25
CA SER B 51 18.65 6.95 -0.10
C SER B 51 19.10 6.18 -1.33
N SER B 52 18.18 5.85 -2.23
CA SER B 52 18.57 5.22 -3.49
C SER B 52 18.91 6.29 -4.52
N GLU B 53 20.09 6.17 -5.12
CA GLU B 53 20.61 7.16 -6.04
C GLU B 53 20.34 6.72 -7.47
N ILE B 54 19.64 7.55 -8.23
CA ILE B 54 19.33 7.31 -9.63
C ILE B 54 19.63 8.59 -10.40
N HIS B 55 20.17 8.45 -11.60
CA HIS B 55 20.76 9.59 -12.29
C HIS B 55 20.15 9.67 -13.68
N PHE B 56 19.62 10.84 -14.06
CA PHE B 56 18.83 10.96 -15.28
C PHE B 56 19.20 12.21 -16.06
N LYS B 57 18.75 12.25 -17.31
CA LYS B 57 19.13 13.25 -18.30
C LYS B 57 17.88 13.82 -18.95
N VAL B 58 17.89 15.12 -19.24
CA VAL B 58 16.69 15.82 -19.68
C VAL B 58 17.05 17.06 -20.49
N LYS B 59 16.07 17.58 -21.22
CA LYS B 59 16.13 18.90 -21.84
C LYS B 59 15.38 19.91 -20.99
N MET B 60 15.66 21.20 -21.25
CA MET B 60 14.91 22.26 -20.57
C MET B 60 13.43 22.24 -20.90
N THR B 61 13.06 21.90 -22.13
CA THR B 61 11.65 21.89 -22.54
C THR B 61 11.00 20.52 -22.40
N THR B 62 11.76 19.50 -22.01
CA THR B 62 11.20 18.15 -21.90
C THR B 62 10.41 18.02 -20.62
N HIS B 63 9.11 17.74 -20.75
CA HIS B 63 8.22 17.67 -19.60
C HIS B 63 8.69 16.63 -18.61
N LEU B 64 8.59 16.94 -17.31
CA LEU B 64 8.99 15.98 -16.28
C LEU B 64 8.10 14.75 -16.25
N LYS B 65 6.95 14.77 -16.94
CA LYS B 65 6.12 13.59 -17.11
C LYS B 65 6.98 12.38 -17.44
N LYS B 66 7.79 12.52 -18.48
CA LYS B 66 8.67 11.44 -18.90
C LYS B 66 9.60 11.01 -17.78
N LEU B 67 10.12 11.99 -17.03
CA LEU B 67 11.07 11.68 -15.96
C LEU B 67 10.42 10.84 -14.87
N LYS B 68 9.24 11.26 -14.39
CA LYS B 68 8.61 10.52 -13.31
C LYS B 68 8.14 9.15 -13.78
N GLU B 69 7.60 9.06 -15.00
CA GLU B 69 7.21 7.75 -15.51
C GLU B 69 8.42 6.83 -15.63
N SER B 70 9.54 7.36 -16.11
CA SER B 70 10.77 6.57 -16.19
C SER B 70 11.19 6.08 -14.82
N TYR B 71 11.11 6.94 -13.81
CA TYR B 71 11.54 6.52 -12.48
C TYR B 71 10.63 5.41 -11.95
N CYS B 72 9.31 5.60 -12.04
CA CYS B 72 8.43 4.56 -11.48
C CYS B 72 8.52 3.27 -12.28
N GLN B 73 8.86 3.34 -13.56
CA GLN B 73 9.09 2.13 -14.33
C GLN B 73 10.36 1.42 -13.87
N ARG B 74 11.43 2.18 -13.64
CA ARG B 74 12.68 1.58 -13.18
C ARG B 74 12.51 0.98 -11.79
N GLN B 75 11.78 1.65 -10.92
CA GLN B 75 11.54 1.16 -9.57
C GLN B 75 10.42 0.14 -9.50
N GLY B 76 9.62 0.01 -10.56
CA GLY B 76 8.52 -0.92 -10.56
C GLY B 76 7.41 -0.58 -9.57
N VAL B 77 7.04 0.69 -9.49
CA VAL B 77 6.05 1.16 -8.52
C VAL B 77 4.96 1.91 -9.28
N PRO B 78 3.69 1.79 -8.89
CA PRO B 78 2.63 2.55 -9.57
C PRO B 78 2.89 4.05 -9.48
N MET B 79 2.56 4.75 -10.58
CA MET B 79 2.94 6.14 -10.78
C MET B 79 2.42 7.03 -9.64
N ASN B 80 1.12 6.94 -9.36
CA ASN B 80 0.51 7.84 -8.38
C ASN B 80 1.01 7.60 -6.97
N SER B 81 1.81 6.56 -6.73
CA SER B 81 2.33 6.28 -5.40
C SER B 81 3.60 7.05 -5.07
N LEU B 82 4.16 7.79 -6.02
CA LEU B 82 5.37 8.58 -5.80
C LEU B 82 5.04 10.06 -5.79
N ARG B 83 5.66 10.80 -4.89
CA ARG B 83 5.59 12.26 -4.85
C ARG B 83 6.98 12.82 -5.12
N PHE B 84 7.07 13.76 -6.04
CA PHE B 84 8.34 14.36 -6.44
C PHE B 84 8.43 15.77 -5.87
N LEU B 85 9.49 16.04 -5.12
CA LEU B 85 9.65 17.28 -4.38
C LEU B 85 10.98 17.94 -4.74
N PHE B 86 10.95 19.23 -5.02
CA PHE B 86 12.17 20.00 -5.24
C PHE B 86 12.21 21.11 -4.18
N GLU B 87 13.21 21.04 -3.30
CA GLU B 87 13.43 21.98 -2.19
C GLU B 87 12.16 22.27 -1.40
N GLY B 88 11.18 21.38 -1.49
CA GLY B 88 9.92 21.58 -0.81
C GLY B 88 8.78 21.84 -1.77
N GLN B 89 9.12 22.22 -3.01
CA GLN B 89 8.10 22.45 -4.02
C GLN B 89 7.64 21.12 -4.60
N ARG B 90 6.33 20.86 -4.51
CA ARG B 90 5.76 19.68 -5.14
C ARG B 90 5.92 19.78 -6.65
N ILE B 91 6.38 18.70 -7.28
CA ILE B 91 6.53 18.67 -8.72
C ILE B 91 5.16 18.34 -9.31
N ALA B 92 4.61 19.28 -10.08
CA ALA B 92 3.31 19.07 -10.69
C ALA B 92 3.45 18.29 -11.99
N ASP B 93 2.36 17.64 -12.41
CA ASP B 93 2.36 16.94 -13.68
C ASP B 93 2.57 17.90 -14.84
N ASN B 94 2.06 19.13 -14.72
CA ASN B 94 2.26 20.17 -15.73
C ASN B 94 3.43 21.07 -15.34
N HIS B 95 4.61 20.47 -15.31
CA HIS B 95 5.84 21.19 -14.96
C HIS B 95 6.92 20.83 -15.96
N THR B 96 7.83 21.78 -16.18
CA THR B 96 8.85 21.63 -17.21
C THR B 96 10.14 22.28 -16.70
N PRO B 97 11.31 21.74 -17.07
CA PRO B 97 12.56 22.26 -16.49
C PRO B 97 12.78 23.76 -16.61
N LYS B 98 12.25 24.43 -17.64
CA LYS B 98 12.46 25.88 -17.63
C LYS B 98 11.53 26.59 -16.66
N GLU B 99 10.60 25.86 -16.02
CA GLU B 99 9.73 26.47 -15.02
C GLU B 99 10.32 26.42 -13.61
N LEU B 100 10.79 25.25 -13.15
CA LEU B 100 11.44 25.21 -11.84
C LEU B 100 12.89 25.68 -11.92
N GLY B 101 13.51 25.58 -13.10
CA GLY B 101 14.78 26.21 -13.33
C GLY B 101 15.96 25.67 -12.55
N MET B 102 16.14 24.35 -12.52
CA MET B 102 17.29 23.77 -11.83
C MET B 102 18.57 23.95 -12.62
N GLU B 103 19.69 23.82 -11.92
CA GLU B 103 20.98 23.74 -12.60
C GLU B 103 21.36 22.28 -12.82
N GLU B 104 22.42 22.06 -13.58
CA GLU B 104 22.85 20.70 -13.87
C GLU B 104 23.34 20.02 -12.60
N GLU B 105 23.10 18.71 -12.53
CA GLU B 105 23.48 17.86 -11.40
C GLU B 105 22.65 18.17 -10.16
N ASP B 106 21.56 18.93 -10.33
CA ASP B 106 20.72 19.26 -9.19
C ASP B 106 19.92 18.03 -8.74
N VAL B 107 19.50 18.06 -7.49
CA VAL B 107 18.78 16.93 -6.89
C VAL B 107 17.28 17.20 -6.92
N ILE B 108 16.53 16.18 -7.33
CA ILE B 108 15.08 16.20 -7.29
C ILE B 108 14.63 15.05 -6.38
N GLU B 109 13.91 15.41 -5.31
CA GLU B 109 13.52 14.45 -4.29
C GLU B 109 12.29 13.67 -4.72
N VAL B 110 12.24 12.40 -4.34
CA VAL B 110 11.08 11.54 -4.55
C VAL B 110 10.72 10.88 -3.21
N TYR B 111 9.42 10.83 -2.92
CA TYR B 111 8.95 10.14 -1.73
C TYR B 111 7.74 9.31 -2.13
N GLN B 112 7.61 8.13 -1.52
CA GLN B 112 6.69 7.12 -2.01
C GLN B 112 5.63 6.94 -0.92
N GLU B 113 4.39 7.31 -1.21
CA GLU B 113 3.33 7.36 -0.19
C GLU B 113 2.71 5.96 -0.01
N GLN B 114 3.47 5.10 0.65
CA GLN B 114 3.20 3.67 0.66
C GLN B 114 2.02 3.34 1.58
N THR B 115 1.31 2.27 1.20
CA THR B 115 0.26 1.67 2.01
C THR B 115 0.87 0.64 2.95
N GLY B 116 0.03 -0.17 3.60
CA GLY B 116 0.52 -1.14 4.54
C GLY B 116 0.57 -0.65 5.98
N GLY B 117 -0.04 0.48 6.27
CA GLY B 117 -0.08 1.00 7.63
C GLY B 117 -0.82 0.07 8.56
N TYR C 41 4.97 19.15 -42.29
CA TYR C 41 4.36 18.09 -41.49
C TYR C 41 5.40 17.09 -41.01
N ILE C 42 5.00 16.21 -40.10
CA ILE C 42 5.92 15.34 -39.37
C ILE C 42 6.76 14.48 -40.32
N LYS C 43 8.08 14.56 -40.17
CA LYS C 43 8.98 13.64 -40.85
C LYS C 43 9.26 12.44 -39.94
N LEU C 44 8.89 11.25 -40.39
CA LEU C 44 9.07 10.06 -39.58
C LEU C 44 10.49 9.53 -39.68
N LYS C 45 10.96 8.95 -38.58
CA LYS C 45 12.33 8.46 -38.44
C LYS C 45 12.28 7.06 -37.85
N VAL C 46 11.44 6.21 -38.42
CA VAL C 46 11.28 4.83 -37.96
C VAL C 46 12.42 3.99 -38.50
N ILE C 47 13.01 3.16 -37.64
CA ILE C 47 14.04 2.21 -38.03
C ILE C 47 13.73 0.88 -37.37
N GLY C 48 13.76 -0.19 -38.16
CA GLY C 48 13.45 -1.52 -37.66
C GLY C 48 14.64 -2.20 -37.01
N GLN C 49 14.42 -3.46 -36.61
CA GLN C 49 15.48 -4.25 -36.01
C GLN C 49 16.61 -4.52 -37.00
N ASP C 50 16.27 -4.67 -38.28
CA ASP C 50 17.25 -4.86 -39.35
C ASP C 50 17.88 -3.56 -39.82
N SER C 51 17.77 -2.49 -39.02
CA SER C 51 18.32 -1.18 -39.35
C SER C 51 17.73 -0.60 -40.62
N SER C 52 16.48 -0.95 -40.94
CA SER C 52 15.83 -0.41 -42.13
C SER C 52 15.05 0.85 -41.77
N GLU C 53 15.40 1.97 -42.40
CA GLU C 53 14.76 3.25 -42.15
C GLU C 53 13.79 3.56 -43.28
N ILE C 54 12.54 3.86 -42.92
CA ILE C 54 11.49 4.15 -43.89
C ILE C 54 10.94 5.54 -43.56
N HIS C 55 10.78 6.36 -44.61
CA HIS C 55 10.33 7.73 -44.41
C HIS C 55 8.83 7.84 -44.69
N PHE C 56 8.14 8.64 -43.87
CA PHE C 56 6.74 8.94 -44.07
C PHE C 56 6.48 10.40 -43.76
N LYS C 57 5.30 10.88 -44.14
CA LYS C 57 4.88 12.25 -43.89
C LYS C 57 3.47 12.23 -43.31
N VAL C 58 3.33 12.65 -42.06
CA VAL C 58 2.04 12.64 -41.37
C VAL C 58 1.82 13.98 -40.68
N LYS C 59 0.59 14.20 -40.24
CA LYS C 59 0.22 15.48 -39.63
C LYS C 59 0.74 15.59 -38.21
N MET C 60 0.47 16.73 -37.57
CA MET C 60 0.79 16.90 -36.17
C MET C 60 -0.02 15.94 -35.30
N THR C 61 -1.34 15.99 -35.41
CA THR C 61 -2.23 15.29 -34.49
C THR C 61 -2.58 13.88 -34.93
N THR C 62 -1.72 13.25 -35.73
CA THR C 62 -1.90 11.83 -36.02
C THR C 62 -1.88 11.03 -34.72
N HIS C 63 -2.83 10.12 -34.57
CA HIS C 63 -3.02 9.45 -33.29
C HIS C 63 -2.69 7.97 -33.37
N LEU C 64 -3.34 7.27 -34.30
CA LEU C 64 -3.12 5.83 -34.47
C LEU C 64 -2.65 5.49 -35.87
N LYS C 65 -3.02 6.33 -36.84
CA LYS C 65 -2.75 6.01 -38.25
C LYS C 65 -1.27 5.86 -38.51
N LYS C 66 -0.44 6.66 -37.84
CA LYS C 66 1.01 6.60 -38.01
C LYS C 66 1.51 5.18 -37.81
N LEU C 67 1.30 4.66 -36.59
CA LEU C 67 1.83 3.35 -36.23
C LEU C 67 1.10 2.25 -36.98
N LYS C 68 -0.21 2.41 -37.22
CA LYS C 68 -0.95 1.38 -37.95
C LYS C 68 -0.41 1.21 -39.36
N GLU C 69 -0.18 2.32 -40.07
CA GLU C 69 0.31 2.24 -41.44
C GLU C 69 1.78 1.84 -41.47
N SER C 70 2.57 2.26 -40.47
CA SER C 70 3.96 1.81 -40.40
C SER C 70 4.02 0.30 -40.22
N TYR C 71 3.18 -0.23 -39.33
CA TYR C 71 3.05 -1.67 -39.16
C TYR C 71 2.67 -2.34 -40.48
N ALA C 72 1.60 -1.86 -41.11
CA ALA C 72 1.10 -2.50 -42.32
C ALA C 72 2.05 -2.39 -43.49
N GLN C 73 2.96 -1.42 -43.47
CA GLN C 73 3.89 -1.24 -44.58
C GLN C 73 5.17 -2.02 -44.37
N ARG C 74 5.75 -1.98 -43.17
CA ARG C 74 7.05 -2.61 -42.96
C ARG C 74 6.90 -4.05 -42.46
N GLN C 75 5.67 -4.49 -42.21
CA GLN C 75 5.39 -5.61 -41.31
C GLN C 75 6.31 -6.83 -41.49
N GLY C 76 6.18 -7.52 -42.63
CA GLY C 76 6.91 -8.76 -42.81
C GLY C 76 6.65 -9.79 -41.72
N VAL C 77 5.78 -9.45 -40.79
CA VAL C 77 5.64 -10.10 -39.48
C VAL C 77 4.29 -9.65 -38.92
N PRO C 78 3.58 -10.49 -38.17
CA PRO C 78 2.28 -10.07 -37.63
C PRO C 78 2.39 -8.83 -36.74
N MET C 79 1.34 -8.03 -36.76
CA MET C 79 1.36 -6.73 -36.08
C MET C 79 1.58 -6.87 -34.59
N ASN C 80 0.90 -7.84 -33.95
CA ASN C 80 0.97 -7.96 -32.50
C ASN C 80 2.39 -8.29 -32.03
N SER C 81 3.18 -8.94 -32.87
CA SER C 81 4.55 -9.32 -32.51
C SER C 81 5.56 -8.26 -32.94
N LEU C 82 5.33 -7.02 -32.53
CA LEU C 82 6.25 -5.93 -32.81
C LEU C 82 5.92 -4.76 -31.89
N ARG C 83 6.91 -3.91 -31.67
CA ARG C 83 6.74 -2.74 -30.82
C ARG C 83 7.79 -1.70 -31.18
N PHE C 84 7.43 -0.43 -31.03
CA PHE C 84 8.37 0.67 -31.15
C PHE C 84 8.56 1.34 -29.80
N LEU C 85 9.82 1.64 -29.46
CA LEU C 85 10.17 2.32 -28.21
C LEU C 85 10.64 3.72 -28.57
N PHE C 86 10.07 4.73 -27.92
CA PHE C 86 10.27 6.12 -28.29
C PHE C 86 10.84 6.85 -27.09
N GLU C 87 12.13 7.19 -27.15
CA GLU C 87 12.88 7.67 -25.99
C GLU C 87 12.74 6.72 -24.80
N GLY C 88 12.81 5.43 -25.09
CA GLY C 88 12.73 4.42 -24.05
C GLY C 88 11.34 4.16 -23.50
N GLN C 89 10.32 4.81 -24.04
CA GLN C 89 8.95 4.63 -23.58
C GLN C 89 8.15 3.89 -24.64
N ARG C 90 7.54 2.77 -24.23
CA ARG C 90 6.72 1.99 -25.16
C ARG C 90 5.41 2.72 -25.40
N ILE C 91 5.05 2.89 -26.68
CA ILE C 91 3.90 3.70 -27.04
C ILE C 91 2.62 2.87 -26.91
N ALA C 92 1.48 3.56 -26.92
CA ALA C 92 0.17 2.94 -27.01
C ALA C 92 -0.32 3.02 -28.45
N ASP C 93 -1.40 2.30 -28.74
CA ASP C 93 -1.92 2.29 -30.10
C ASP C 93 -2.62 3.60 -30.49
N ASN C 94 -2.63 4.61 -29.62
CA ASN C 94 -3.20 5.91 -29.95
C ASN C 94 -2.36 7.06 -29.45
N HIS C 95 -1.07 6.86 -29.19
CA HIS C 95 -0.22 7.86 -28.55
C HIS C 95 0.29 8.85 -29.60
N THR C 96 -0.31 10.04 -29.65
CA THR C 96 0.06 11.03 -30.66
C THR C 96 1.31 11.80 -30.23
N PRO C 97 2.13 12.22 -31.21
CA PRO C 97 3.38 12.94 -30.86
C PRO C 97 3.13 14.23 -30.09
N LYS C 98 2.04 14.94 -30.38
CA LYS C 98 1.75 16.17 -29.66
C LYS C 98 1.45 15.91 -28.19
N GLU C 99 0.79 14.79 -27.87
CA GLU C 99 0.57 14.42 -26.48
C GLU C 99 1.65 13.49 -25.95
N LEU C 100 2.41 12.84 -26.85
CA LEU C 100 3.71 12.30 -26.47
C LEU C 100 4.69 13.38 -26.07
N GLY C 101 4.86 14.41 -26.90
CA GLY C 101 5.83 15.46 -26.65
C GLY C 101 7.06 15.39 -27.53
N MET C 102 6.93 14.80 -28.71
CA MET C 102 7.97 14.79 -29.73
C MET C 102 7.55 15.66 -30.92
N GLU C 103 8.50 15.83 -31.84
CA GLU C 103 8.43 16.83 -32.89
C GLU C 103 8.99 16.23 -34.17
N GLU C 104 9.28 17.11 -35.14
CA GLU C 104 9.77 16.71 -36.46
C GLU C 104 11.06 15.90 -36.35
N GLU C 105 11.16 14.85 -37.17
CA GLU C 105 12.36 14.05 -37.38
C GLU C 105 12.87 13.39 -36.11
N ASP C 106 12.04 13.28 -35.07
CA ASP C 106 12.48 12.62 -33.85
C ASP C 106 12.67 11.13 -34.11
N VAL C 107 13.81 10.59 -33.66
CA VAL C 107 14.16 9.22 -33.99
C VAL C 107 13.32 8.26 -33.15
N ILE C 108 12.66 7.32 -33.84
CA ILE C 108 11.82 6.32 -33.20
C ILE C 108 12.35 4.94 -33.62
N GLU C 109 12.61 4.10 -32.62
CA GLU C 109 13.22 2.79 -32.85
C GLU C 109 12.27 1.69 -32.40
N VAL C 110 12.22 0.62 -33.18
CA VAL C 110 11.41 -0.55 -32.82
C VAL C 110 12.15 -1.35 -31.75
N TYR C 111 11.45 -2.29 -31.13
CA TYR C 111 12.04 -3.15 -30.12
C TYR C 111 11.61 -4.58 -30.38
N GLN C 112 12.42 -5.53 -29.91
CA GLN C 112 12.11 -6.94 -30.09
C GLN C 112 10.77 -7.27 -29.43
N GLU C 113 9.98 -8.10 -30.11
CA GLU C 113 8.62 -8.39 -29.65
C GLU C 113 8.64 -9.08 -28.30
N GLN C 114 7.65 -8.73 -27.46
CA GLN C 114 7.49 -9.32 -26.14
C GLN C 114 6.33 -10.30 -26.07
N THR C 115 5.82 -10.74 -27.22
CA THR C 115 4.70 -11.68 -27.22
C THR C 115 5.06 -13.01 -26.58
N GLY C 116 6.34 -13.38 -26.58
CA GLY C 116 6.76 -14.60 -25.93
C GLY C 116 6.80 -14.46 -24.42
N GLY C 117 5.65 -14.23 -23.80
CA GLY C 117 5.57 -14.04 -22.38
C GLY C 117 4.86 -12.74 -22.00
N GLY D 29 22.26 -20.71 14.76
CA GLY D 29 21.55 -19.71 15.54
C GLY D 29 20.72 -20.30 16.67
N GLY D 30 20.83 -19.72 17.85
CA GLY D 30 20.10 -20.21 19.00
C GLY D 30 18.74 -19.55 19.17
N ILE D 31 18.16 -19.10 18.06
CA ILE D 31 16.86 -18.43 18.10
C ILE D 31 15.77 -19.50 18.10
N SER D 32 14.89 -19.43 19.08
CA SER D 32 13.78 -20.37 19.18
C SER D 32 12.69 -20.01 18.18
N GLU D 33 11.83 -21.00 17.90
CA GLU D 33 10.82 -20.83 16.86
C GLU D 33 9.77 -19.79 17.23
N GLU D 34 9.23 -19.87 18.46
CA GLU D 34 8.20 -18.92 18.86
C GLU D 34 8.74 -17.51 19.02
N GLU D 35 9.98 -17.37 19.49
CA GLU D 35 10.59 -16.06 19.57
C GLU D 35 10.76 -15.45 18.17
N ALA D 36 11.16 -16.27 17.20
CA ALA D 36 11.23 -15.80 15.82
C ALA D 36 9.86 -15.42 15.30
N ALA D 37 8.83 -16.20 15.64
CA ALA D 37 7.48 -15.88 15.20
C ALA D 37 7.01 -14.55 15.76
N GLN D 38 7.33 -14.28 17.03
CA GLN D 38 6.97 -12.99 17.62
C GLN D 38 7.72 -11.85 16.95
N TYR D 39 8.93 -12.12 16.45
CA TYR D 39 9.73 -11.13 15.75
C TYR D 39 9.59 -11.23 14.24
N ASP D 40 8.64 -12.03 13.74
CA ASP D 40 8.64 -12.42 12.33
C ASP D 40 8.63 -11.23 11.38
N ARG D 41 8.00 -10.13 11.77
CA ARG D 41 7.91 -8.98 10.86
C ARG D 41 9.26 -8.31 10.66
N GLN D 42 9.98 -8.06 11.75
CA GLN D 42 11.22 -7.30 11.65
C GLN D 42 12.36 -8.12 11.05
N ILE D 43 12.30 -9.45 11.15
CA ILE D 43 13.30 -10.29 10.50
C ILE D 43 13.25 -10.10 8.99
N ARG D 44 12.04 -9.99 8.43
CA ARG D 44 11.89 -9.74 7.01
C ARG D 44 12.51 -8.42 6.58
N LEU D 45 12.76 -7.51 7.52
CA LEU D 45 13.35 -6.21 7.17
C LEU D 45 14.86 -6.20 7.39
N TRP D 46 15.31 -6.49 8.61
CA TRP D 46 16.74 -6.37 8.89
C TRP D 46 17.45 -7.70 9.06
N GLY D 47 16.76 -8.83 8.93
CA GLY D 47 17.42 -10.12 8.88
C GLY D 47 17.62 -10.75 10.25
N LEU D 48 17.95 -12.04 10.22
CA LEU D 48 18.18 -12.77 11.47
C LEU D 48 19.41 -12.28 12.21
N GLU D 49 20.47 -11.93 11.47
CA GLU D 49 21.74 -11.61 12.13
C GLU D 49 21.60 -10.36 13.00
N ALA D 50 20.86 -9.36 12.52
CA ALA D 50 20.62 -8.16 13.31
C ALA D 50 19.86 -8.51 14.59
N GLN D 51 18.85 -9.38 14.48
CA GLN D 51 18.11 -9.78 15.66
C GLN D 51 18.98 -10.56 16.64
N LYS D 52 19.88 -11.39 16.12
CA LYS D 52 20.78 -12.13 17.00
C LYS D 52 21.72 -11.19 17.73
N ARG D 53 22.25 -10.18 17.03
CA ARG D 53 23.09 -9.20 17.69
C ARG D 53 22.32 -8.39 18.72
N LEU D 54 21.04 -8.11 18.45
CA LEU D 54 20.19 -7.48 19.46
C LEU D 54 20.01 -8.38 20.66
N ARG D 55 19.82 -9.68 20.44
CA ARG D 55 19.77 -10.64 21.52
C ARG D 55 21.09 -10.72 22.28
N ALA D 56 22.19 -10.29 21.64
CA ALA D 56 23.45 -10.17 22.34
C ALA D 56 23.68 -8.78 22.92
N SER D 57 22.68 -7.90 22.84
CA SER D 57 22.83 -6.51 23.23
C SER D 57 22.17 -6.23 24.57
N ARG D 58 22.72 -5.25 25.30
CA ARG D 58 22.13 -4.72 26.52
C ARG D 58 22.19 -3.21 26.47
N VAL D 59 21.14 -2.55 26.97
CA VAL D 59 20.97 -1.11 26.81
C VAL D 59 20.73 -0.48 28.19
N LEU D 60 21.35 0.68 28.41
CA LEU D 60 21.11 1.47 29.61
C LEU D 60 20.25 2.68 29.24
N LEU D 61 19.22 2.92 30.05
CA LEU D 61 18.30 4.02 29.82
C LEU D 61 18.18 4.87 31.08
N VAL D 62 17.93 6.16 30.90
CA VAL D 62 17.82 7.10 32.00
C VAL D 62 16.63 8.01 31.75
N GLY D 63 15.86 8.29 32.81
CA GLY D 63 14.80 9.26 32.73
C GLY D 63 13.52 8.78 32.06
N LEU D 64 12.40 9.07 32.72
CA LEU D 64 11.13 8.46 32.24
C LEU D 64 10.09 9.53 31.92
N LYS D 65 10.48 10.56 31.17
CA LYS D 65 9.43 11.50 30.70
C LYS D 65 8.63 10.69 29.68
N GLY D 66 7.49 11.18 29.22
CA GLY D 66 6.80 10.39 28.19
C GLY D 66 7.83 9.79 27.26
N LEU D 67 8.97 10.48 27.07
CA LEU D 67 9.98 10.02 26.12
C LEU D 67 10.67 8.77 26.62
N GLY D 68 11.02 8.74 27.91
CA GLY D 68 11.63 7.55 28.48
C GLY D 68 10.71 6.34 28.41
N ALA D 69 9.43 6.55 28.69
CA ALA D 69 8.48 5.44 28.61
C ALA D 69 8.38 4.91 27.19
N GLU D 70 8.28 5.81 26.20
CA GLU D 70 8.12 5.35 24.82
C GLU D 70 9.39 4.66 24.34
N ILE D 71 10.56 5.19 24.70
CA ILE D 71 11.81 4.58 24.25
C ILE D 71 12.00 3.22 24.90
N ALA D 72 11.62 3.09 26.17
CA ALA D 72 11.68 1.79 26.83
C ALA D 72 10.76 0.80 26.14
N LYS D 73 9.53 1.22 25.82
CA LYS D 73 8.59 0.34 25.15
C LYS D 73 9.12 -0.10 23.79
N ASN D 74 9.66 0.84 23.03
CA ASN D 74 10.12 0.51 21.68
C ASN D 74 11.36 -0.37 21.71
N LEU D 75 12.28 -0.12 22.64
CA LEU D 75 13.43 -1.00 22.79
C LEU D 75 12.98 -2.39 23.21
N ILE D 76 11.99 -2.47 24.09
CA ILE D 76 11.46 -3.77 24.51
C ILE D 76 10.91 -4.53 23.31
N LEU D 77 10.15 -3.82 22.46
CA LEU D 77 9.56 -4.48 21.30
C LEU D 77 10.59 -4.80 20.23
N ALA D 78 11.71 -4.07 20.22
CA ALA D 78 12.73 -4.27 19.20
C ALA D 78 13.38 -5.65 19.28
N GLY D 79 13.65 -6.14 20.49
CA GLY D 79 14.26 -7.45 20.64
C GLY D 79 15.60 -7.47 21.34
N VAL D 80 16.00 -6.36 21.98
CA VAL D 80 17.21 -6.40 22.81
C VAL D 80 16.95 -7.30 24.01
N LYS D 81 17.91 -8.18 24.29
CA LYS D 81 17.67 -9.19 25.31
C LYS D 81 17.46 -8.57 26.69
N GLY D 82 18.18 -7.50 27.01
CA GLY D 82 18.07 -6.88 28.31
C GLY D 82 18.14 -5.37 28.28
N LEU D 83 17.18 -4.72 28.91
CA LEU D 83 17.13 -3.27 29.01
C LEU D 83 17.24 -2.87 30.48
N THR D 84 18.18 -2.00 30.79
CA THR D 84 18.33 -1.45 32.13
C THR D 84 18.01 0.03 32.09
N MET D 85 17.09 0.47 32.94
CA MET D 85 16.69 1.86 33.01
C MET D 85 16.95 2.41 34.40
N LEU D 86 17.22 3.71 34.48
CA LEU D 86 17.59 4.36 35.73
C LEU D 86 16.82 5.68 35.84
N ASP D 87 16.35 5.99 37.05
CA ASP D 87 15.72 7.28 37.31
C ASP D 87 15.83 7.57 38.81
N HIS D 88 15.68 8.85 39.15
CA HIS D 88 15.87 9.31 40.51
C HIS D 88 14.63 9.98 41.10
N GLU D 89 13.47 9.82 40.47
CA GLU D 89 12.27 10.52 40.92
C GLU D 89 11.10 9.54 41.00
N GLN D 90 10.17 9.87 41.89
CA GLN D 90 8.95 9.10 42.06
C GLN D 90 7.86 9.59 41.10
N VAL D 91 6.66 9.07 41.28
CA VAL D 91 5.50 9.60 40.56
C VAL D 91 4.83 10.67 41.40
N THR D 92 4.70 11.86 40.84
CA THR D 92 4.23 13.04 41.54
C THR D 92 2.84 13.42 41.05
N PRO D 93 2.04 14.07 41.91
CA PRO D 93 0.70 14.50 41.47
C PRO D 93 0.74 15.48 40.31
N GLU D 94 1.77 16.34 40.23
CA GLU D 94 1.89 17.29 39.15
C GLU D 94 2.17 16.65 37.80
N ASP D 95 2.50 15.36 37.78
CA ASP D 95 2.69 14.66 36.53
C ASP D 95 1.36 14.51 35.81
N PRO D 96 1.38 14.36 34.48
CA PRO D 96 0.13 14.19 33.73
C PRO D 96 -0.56 12.88 34.11
N GLY D 97 -1.86 12.84 33.85
CA GLY D 97 -2.67 11.69 34.22
C GLY D 97 -2.42 10.43 33.42
N ALA D 98 -1.59 10.48 32.38
CA ALA D 98 -1.34 9.31 31.55
C ALA D 98 0.12 9.27 31.15
N GLN D 99 0.75 8.11 31.38
CA GLN D 99 2.10 7.85 30.90
C GLN D 99 2.20 6.51 30.16
N PHE D 100 1.08 5.79 30.05
CA PHE D 100 0.91 4.61 29.21
C PHE D 100 1.78 3.44 29.65
N LEU D 101 2.63 3.65 30.66
CA LEU D 101 3.37 2.55 31.25
C LEU D 101 2.96 2.32 32.70
N ILE D 102 3.02 3.38 33.52
CA ILE D 102 2.67 3.23 34.92
C ILE D 102 1.17 3.06 35.07
N ARG D 103 0.77 2.36 36.13
CA ARG D 103 -0.65 2.08 36.35
C ARG D 103 -1.38 3.34 36.79
N THR D 104 -2.71 3.27 36.75
CA THR D 104 -3.55 4.38 37.17
C THR D 104 -3.35 4.68 38.65
N GLY D 105 -3.19 5.96 38.98
CA GLY D 105 -3.02 6.36 40.36
C GLY D 105 -1.78 5.79 41.02
N SER D 106 -0.66 5.72 40.30
CA SER D 106 0.58 5.21 40.87
C SER D 106 1.39 6.34 41.48
N VAL D 107 0.70 7.42 41.88
CA VAL D 107 1.39 8.56 42.46
C VAL D 107 2.08 8.14 43.76
N GLY D 108 3.21 8.78 44.04
CA GLY D 108 4.01 8.45 45.20
C GLY D 108 4.94 7.27 45.02
N ARG D 109 4.55 6.28 44.24
CA ARG D 109 5.41 5.14 43.96
C ARG D 109 6.57 5.57 43.06
N ASN D 110 7.64 4.78 43.10
CA ASN D 110 8.76 5.01 42.19
C ASN D 110 8.30 4.77 40.75
N ARG D 111 8.68 5.67 39.85
CA ARG D 111 8.26 5.55 38.47
C ARG D 111 8.78 4.27 37.83
N ALA D 112 10.03 3.90 38.13
CA ALA D 112 10.59 2.66 37.60
C ALA D 112 9.79 1.46 38.05
N GLU D 113 9.48 1.37 39.35
CA GLU D 113 8.72 0.25 39.85
C GLU D 113 7.25 0.34 39.46
N ALA D 114 6.75 1.55 39.20
CA ALA D 114 5.40 1.71 38.70
C ALA D 114 5.27 1.27 37.24
N SER D 115 6.38 1.29 36.50
CA SER D 115 6.34 0.97 35.07
C SER D 115 6.79 -0.45 34.76
N LEU D 116 7.62 -1.06 35.61
CA LEU D 116 8.29 -2.31 35.25
C LEU D 116 7.30 -3.41 34.89
N GLU D 117 6.13 -3.42 35.54
CA GLU D 117 5.16 -4.49 35.28
C GLU D 117 4.69 -4.45 33.84
N ARG D 118 4.20 -3.30 33.39
CA ARG D 118 3.74 -3.16 32.02
C ARG D 118 4.90 -3.29 31.04
N ALA D 119 6.08 -2.77 31.41
CA ALA D 119 7.23 -2.85 30.53
C ALA D 119 7.62 -4.30 30.26
N GLN D 120 7.59 -5.14 31.30
CA GLN D 120 7.84 -6.56 31.10
C GLN D 120 6.69 -7.24 30.38
N ASN D 121 5.46 -6.79 30.62
CA ASN D 121 4.31 -7.36 29.92
C ASN D 121 4.38 -7.11 28.43
N LEU D 122 5.05 -6.04 28.01
CA LEU D 122 5.19 -5.77 26.58
C LEU D 122 5.92 -6.91 25.87
N ASN D 123 6.93 -7.50 26.51
CA ASN D 123 7.61 -8.66 25.95
C ASN D 123 8.12 -9.53 27.09
N PRO D 124 7.63 -10.77 27.22
CA PRO D 124 7.97 -11.58 28.39
C PRO D 124 9.39 -12.11 28.40
N MET D 125 9.97 -12.44 27.25
CA MET D 125 11.29 -13.07 27.22
C MET D 125 12.44 -12.07 27.29
N VAL D 126 12.15 -10.77 27.27
CA VAL D 126 13.17 -9.78 27.56
C VAL D 126 13.10 -9.39 29.03
N ASP D 127 14.24 -9.45 29.71
CA ASP D 127 14.33 -9.04 31.10
C ASP D 127 14.71 -7.58 31.21
N VAL D 128 14.14 -6.89 32.19
CA VAL D 128 14.38 -5.47 32.41
C VAL D 128 14.94 -5.27 33.80
N LYS D 129 15.61 -4.14 34.00
CA LYS D 129 16.18 -3.77 35.28
C LYS D 129 15.76 -2.35 35.63
N VAL D 130 15.52 -2.13 36.92
CA VAL D 130 15.09 -0.84 37.45
C VAL D 130 16.09 -0.37 38.47
N ASP D 131 16.54 0.88 38.34
CA ASP D 131 17.50 1.49 39.25
C ASP D 131 16.96 2.80 39.77
N THR D 132 17.02 2.98 41.09
CA THR D 132 16.58 4.22 41.71
C THR D 132 17.71 5.20 41.97
N GLU D 133 18.96 4.73 41.92
CA GLU D 133 20.10 5.60 42.16
C GLU D 133 20.24 6.62 41.04
N ASP D 134 20.66 7.83 41.41
CA ASP D 134 20.95 8.86 40.42
C ASP D 134 22.21 8.48 39.65
N ILE D 135 22.18 8.74 38.34
CA ILE D 135 23.35 8.46 37.50
C ILE D 135 24.54 9.32 37.91
N GLU D 136 24.28 10.45 38.57
CA GLU D 136 25.38 11.28 39.08
C GLU D 136 26.22 10.50 40.09
N LYS D 137 25.55 9.78 40.98
CA LYS D 137 26.26 8.99 41.99
C LYS D 137 26.69 7.63 41.46
N LYS D 138 26.22 7.26 40.27
CA LYS D 138 26.52 5.94 39.73
C LYS D 138 28.01 5.85 39.36
N PRO D 139 28.67 4.75 39.69
CA PRO D 139 30.10 4.63 39.37
C PRO D 139 30.33 4.37 37.88
N GLU D 140 31.58 4.58 37.48
CA GLU D 140 31.95 4.37 36.08
C GLU D 140 31.80 2.92 35.67
N SER D 141 32.12 1.98 36.56
CA SER D 141 32.09 0.57 36.21
C SER D 141 30.68 0.08 35.90
N PHE D 142 29.67 0.79 36.41
CA PHE D 142 28.29 0.37 36.19
C PHE D 142 27.88 0.45 34.73
N PHE D 143 28.54 1.27 33.92
CA PHE D 143 28.17 1.42 32.52
C PHE D 143 28.84 0.39 31.62
N THR D 144 29.77 -0.40 32.17
CA THR D 144 30.59 -1.27 31.32
C THR D 144 29.78 -2.38 30.66
N GLN D 145 28.78 -2.91 31.36
CA GLN D 145 28.04 -4.08 30.89
C GLN D 145 26.90 -3.72 29.92
N PHE D 146 26.96 -2.54 29.31
CA PHE D 146 25.94 -2.12 28.36
C PHE D 146 26.59 -1.70 27.05
N ASP D 147 25.91 -2.00 25.95
CA ASP D 147 26.40 -1.61 24.63
C ASP D 147 25.83 -0.30 24.15
N ALA D 148 24.86 0.27 24.87
CA ALA D 148 24.28 1.56 24.51
C ALA D 148 23.67 2.19 25.75
N VAL D 149 23.82 3.51 25.84
CA VAL D 149 23.31 4.28 26.98
C VAL D 149 22.43 5.40 26.45
N CYS D 150 21.25 5.56 27.06
CA CYS D 150 20.29 6.56 26.65
C CYS D 150 19.99 7.49 27.82
N LEU D 151 19.98 8.79 27.55
CA LEU D 151 19.83 9.81 28.59
C LEU D 151 18.62 10.68 28.30
N THR D 152 17.96 11.12 29.37
CA THR D 152 16.79 12.00 29.27
C THR D 152 16.69 12.83 30.54
N CYS D 153 16.19 14.07 30.37
CA CYS D 153 15.85 14.97 31.47
C CYS D 153 16.94 15.02 32.53
N CYS D 154 18.12 15.47 32.13
CA CYS D 154 19.28 15.48 33.02
C CYS D 154 20.15 16.70 32.70
N SER D 155 20.98 17.06 33.69
CA SER D 155 21.81 18.25 33.57
C SER D 155 22.95 18.04 32.58
N ARG D 156 23.38 19.14 31.96
CA ARG D 156 24.37 19.03 30.90
C ARG D 156 25.72 18.54 31.42
N ASP D 157 26.08 18.90 32.65
CA ASP D 157 27.34 18.42 33.22
C ASP D 157 27.32 16.90 33.37
N VAL D 158 26.20 16.35 33.82
CA VAL D 158 26.08 14.90 33.93
C VAL D 158 26.08 14.25 32.55
N ILE D 159 25.49 14.93 31.55
CA ILE D 159 25.60 14.45 30.18
C ILE D 159 27.05 14.36 29.76
N VAL D 160 27.84 15.39 30.09
CA VAL D 160 29.26 15.38 29.76
C VAL D 160 29.97 14.22 30.45
N LYS D 161 29.67 14.01 31.73
CA LYS D 161 30.31 12.94 32.49
C LYS D 161 29.98 11.58 31.89
N VAL D 162 28.70 11.30 31.67
CA VAL D 162 28.29 10.01 31.14
C VAL D 162 28.82 9.80 29.72
N ASP D 163 28.83 10.86 28.92
CA ASP D 163 29.30 10.75 27.55
C ASP D 163 30.79 10.48 27.49
N GLN D 164 31.58 11.17 28.32
CA GLN D 164 33.01 10.91 28.33
C GLN D 164 33.32 9.52 28.87
N ILE D 165 32.56 9.05 29.86
CA ILE D 165 32.73 7.68 30.34
C ILE D 165 32.41 6.69 29.24
N CYS D 166 31.32 6.94 28.52
CA CYS D 166 30.90 6.05 27.44
C CYS D 166 31.93 6.00 26.32
N HIS D 167 32.50 7.17 25.97
CA HIS D 167 33.54 7.21 24.97
C HIS D 167 34.80 6.48 25.44
N LYS D 168 35.13 6.63 26.72
CA LYS D 168 36.28 5.93 27.28
C LYS D 168 36.08 4.42 27.23
N ASN D 169 34.86 3.96 27.45
CA ASN D 169 34.55 2.54 27.46
C ASN D 169 34.19 2.00 26.08
N SER D 170 34.33 2.80 25.02
CA SER D 170 34.04 2.40 23.65
C SER D 170 32.59 1.99 23.45
N ILE D 171 31.70 2.52 24.27
CA ILE D 171 30.27 2.22 24.20
C ILE D 171 29.57 3.33 23.44
N LYS D 172 28.46 2.99 22.80
CA LYS D 172 27.69 3.94 22.01
C LYS D 172 26.85 4.81 22.94
N PHE D 173 26.89 6.12 22.73
CA PHE D 173 26.22 7.07 23.59
C PHE D 173 25.08 7.76 22.85
N PHE D 174 23.89 7.73 23.45
CA PHE D 174 22.72 8.38 22.90
C PHE D 174 22.05 9.22 23.97
N THR D 175 21.39 10.29 23.54
CA THR D 175 20.59 11.13 24.44
C THR D 175 19.59 11.91 23.61
N GLY D 176 18.57 12.41 24.29
CA GLY D 176 17.54 13.20 23.65
C GLY D 176 16.44 13.54 24.63
N ASP D 177 15.61 14.50 24.24
CA ASP D 177 14.51 14.93 25.09
C ASP D 177 13.45 15.61 24.24
N VAL D 178 12.34 15.98 24.87
CA VAL D 178 11.20 16.61 24.22
C VAL D 178 10.69 17.74 25.10
N PHE D 179 10.36 18.86 24.46
CA PHE D 179 9.81 20.01 25.18
C PHE D 179 8.83 20.71 24.24
N GLY D 180 7.54 20.48 24.44
CA GLY D 180 6.55 21.05 23.55
C GLY D 180 6.76 20.58 22.13
N TYR D 181 6.40 21.43 21.17
CA TYR D 181 6.57 21.08 19.76
C TYR D 181 8.03 20.88 19.36
N HIS D 182 8.97 21.04 20.28
CA HIS D 182 10.39 20.95 19.97
C HIS D 182 10.99 19.73 20.64
N GLY D 183 11.81 19.01 19.89
CA GLY D 183 12.47 17.83 20.42
C GLY D 183 13.80 17.62 19.73
N TYR D 184 14.73 17.00 20.46
CA TYR D 184 16.07 16.76 19.97
C TYR D 184 16.55 15.37 20.37
N THR D 185 17.60 14.92 19.68
CA THR D 185 18.35 13.74 20.07
C THR D 185 19.82 13.98 19.72
N PHE D 186 20.69 13.24 20.38
CA PHE D 186 22.11 13.25 20.04
C PHE D 186 22.63 11.82 20.09
N ALA D 187 23.62 11.53 19.25
CA ALA D 187 24.21 10.20 19.19
C ALA D 187 25.71 10.31 18.97
N ASN D 188 26.49 9.67 19.83
CA ASN D 188 27.93 9.56 19.67
C ASN D 188 28.29 8.09 19.67
N LEU D 189 28.75 7.59 18.53
CA LEU D 189 29.07 6.18 18.36
C LEU D 189 30.55 5.90 18.54
N GLY D 190 31.40 6.93 18.61
CA GLY D 190 32.82 6.69 18.65
C GLY D 190 33.28 6.00 17.38
N GLU D 191 34.23 5.08 17.54
CA GLU D 191 34.62 4.22 16.43
C GLU D 191 33.52 3.19 16.20
N HIS D 192 32.81 3.31 15.08
CA HIS D 192 31.63 2.50 14.83
C HIS D 192 31.78 1.78 13.49
N GLU D 193 31.18 0.60 13.41
CA GLU D 193 31.18 -0.21 12.20
C GLU D 193 29.75 -0.67 11.92
N PHE D 194 29.39 -0.72 10.64
CA PHE D 194 28.03 -1.08 10.25
C PHE D 194 28.02 -1.55 8.80
N VAL D 195 26.91 -2.16 8.42
CA VAL D 195 26.69 -2.60 7.05
C VAL D 195 25.50 -1.85 6.48
N GLU D 196 25.35 -1.92 5.15
CA GLU D 196 24.23 -1.31 4.46
C GLU D 196 23.84 -2.16 3.26
N GLU D 197 22.62 -1.93 2.77
CA GLU D 197 22.21 -2.50 1.49
C GLU D 197 22.83 -1.72 0.34
N LYS D 198 23.24 -2.45 -0.70
CA LYS D 198 23.86 -1.85 -1.89
C LYS D 198 22.79 -1.25 -2.79
N THR D 199 22.27 -0.10 -2.36
CA THR D 199 21.22 0.59 -3.09
C THR D 199 21.79 1.50 -4.18
N LYS D 200 22.52 0.90 -5.12
CA LYS D 200 23.12 1.62 -6.25
C LYS D 200 24.02 2.77 -5.77
N THR D 225 25.03 -9.12 -0.55
CA THR D 225 24.57 -7.83 -1.06
C THR D 225 24.91 -6.70 -0.08
N MET D 226 25.28 -7.07 1.14
CA MET D 226 25.68 -6.08 2.13
C MET D 226 27.13 -5.69 1.93
N VAL D 227 27.46 -4.48 2.38
CA VAL D 227 28.80 -3.93 2.26
C VAL D 227 29.14 -3.15 3.53
N LYS D 228 30.39 -3.26 3.96
CA LYS D 228 30.81 -2.78 5.28
C LYS D 228 31.45 -1.40 5.22
N LYS D 229 30.96 -0.48 6.05
CA LYS D 229 31.60 0.81 6.27
C LYS D 229 31.82 1.04 7.76
N LYS D 230 32.27 2.26 8.07
CA LYS D 230 32.59 2.69 9.42
C LYS D 230 32.33 4.19 9.53
N VAL D 231 32.18 4.65 10.78
CA VAL D 231 31.95 6.07 11.04
C VAL D 231 32.49 6.42 12.42
N VAL D 232 32.87 7.69 12.59
CA VAL D 232 33.46 8.20 13.82
C VAL D 232 32.71 9.45 14.25
N PHE D 233 32.44 9.57 15.54
CA PHE D 233 31.75 10.73 16.10
C PHE D 233 32.48 11.21 17.35
N CYS D 234 32.15 12.42 17.78
CA CYS D 234 32.84 13.11 18.84
C CYS D 234 31.98 13.22 20.10
N PRO D 235 32.61 13.39 21.27
CA PRO D 235 31.86 13.51 22.52
C PRO D 235 30.95 14.74 22.58
N VAL D 236 30.14 14.85 23.64
CA VAL D 236 29.23 15.99 23.77
C VAL D 236 30.01 17.29 23.96
N LYS D 237 31.10 17.24 24.74
CA LYS D 237 31.89 18.43 24.99
C LYS D 237 32.50 18.98 23.71
N GLU D 238 32.81 18.11 22.75
CA GLU D 238 33.20 18.57 21.42
C GLU D 238 32.00 19.08 20.64
N ALA D 239 30.85 18.40 20.77
CA ALA D 239 29.69 18.73 19.96
C ALA D 239 28.91 19.91 20.55
N LEU D 240 28.48 19.78 21.81
CA LEU D 240 27.61 20.80 22.40
C LEU D 240 28.33 22.14 22.52
N GLU D 241 29.61 22.12 22.89
CA GLU D 241 30.36 23.34 23.13
C GLU D 241 31.09 23.85 21.89
N VAL D 242 30.56 23.57 20.70
CA VAL D 242 31.19 24.02 19.47
C VAL D 242 31.21 25.55 19.44
N ASP D 243 32.34 26.11 18.99
CA ASP D 243 32.52 27.56 18.93
C ASP D 243 31.89 28.06 17.64
N TRP D 244 30.73 28.70 17.75
CA TRP D 244 30.05 29.26 16.58
C TRP D 244 30.71 30.52 16.06
N SER D 245 31.53 31.20 16.87
CA SER D 245 32.26 32.36 16.40
C SER D 245 33.35 31.99 15.40
N SER D 246 33.72 30.72 15.31
CA SER D 246 34.65 30.27 14.29
C SER D 246 34.03 30.46 12.91
N GLU D 247 34.89 30.74 11.92
CA GLU D 247 34.39 31.18 10.61
C GLU D 247 33.56 30.10 9.93
N LYS D 248 34.00 28.84 9.96
CA LYS D 248 33.25 27.78 9.32
C LYS D 248 31.93 27.51 10.01
N ALA D 249 31.92 27.47 11.35
CA ALA D 249 30.66 27.31 12.07
C ALA D 249 29.73 28.49 11.83
N LYS D 250 30.28 29.70 11.79
CA LYS D 250 29.45 30.87 11.50
C LYS D 250 28.85 30.79 10.10
N ALA D 251 29.63 30.34 9.12
CA ALA D 251 29.11 30.19 7.77
C ALA D 251 28.02 29.13 7.70
N ALA D 252 28.21 28.01 8.40
CA ALA D 252 27.21 26.95 8.38
C ALA D 252 25.98 27.34 9.20
N LEU D 253 26.12 28.34 10.08
CA LEU D 253 25.01 28.71 10.96
C LEU D 253 23.82 29.25 10.19
N LYS D 254 24.06 30.05 9.15
CA LYS D 254 22.96 30.67 8.42
C LYS D 254 22.03 29.65 7.78
N ARG D 255 22.50 28.41 7.59
CA ARG D 255 21.65 27.31 7.17
C ARG D 255 21.66 26.21 8.23
N THR D 256 21.69 26.62 9.49
CA THR D 256 21.66 25.73 10.64
C THR D 256 20.41 26.00 11.45
N THR D 257 19.73 24.92 11.85
CA THR D 257 18.48 25.04 12.58
C THR D 257 18.72 25.69 13.94
N SER D 258 17.74 26.48 14.38
CA SER D 258 17.79 27.10 15.70
C SER D 258 17.36 26.15 16.81
N ASP D 259 16.98 24.92 16.45
CA ASP D 259 16.56 23.95 17.46
C ASP D 259 17.68 23.65 18.45
N TYR D 260 18.92 23.61 17.97
CA TYR D 260 20.04 23.42 18.88
C TYR D 260 20.15 24.58 19.85
N PHE D 261 19.93 25.81 19.37
CA PHE D 261 20.00 26.98 20.25
C PHE D 261 18.91 26.95 21.31
N LEU D 262 17.68 26.61 20.93
CA LEU D 262 16.62 26.53 21.94
C LEU D 262 16.86 25.35 22.89
N LEU D 263 17.45 24.27 22.38
CA LEU D 263 17.86 23.16 23.24
C LEU D 263 18.85 23.63 24.29
N GLN D 264 19.86 24.40 23.87
CA GLN D 264 20.84 24.92 24.81
C GLN D 264 20.17 25.83 25.84
N VAL D 265 19.25 26.67 25.37
CA VAL D 265 18.49 27.54 26.32
C VAL D 265 17.79 26.62 27.33
N LEU D 266 17.03 25.64 26.85
CA LEU D 266 16.30 24.71 27.76
C LEU D 266 17.29 24.06 28.72
N LEU D 267 18.34 23.44 28.18
CA LEU D 267 19.37 22.76 29.02
C LEU D 267 19.81 23.71 30.14
N LYS D 268 20.31 24.90 29.77
CA LYS D 268 20.76 25.87 30.78
C LYS D 268 19.67 26.07 31.83
N PHE D 269 18.43 26.32 31.39
CA PHE D 269 17.35 26.61 32.33
C PHE D 269 17.13 25.43 33.27
N ARG D 270 17.22 24.21 32.73
CA ARG D 270 17.15 23.01 33.55
C ARG D 270 18.25 22.97 34.60
N THR D 271 19.48 23.29 34.18
CA THR D 271 20.60 23.23 35.12
C THR D 271 20.49 24.27 36.22
N ASP D 272 20.10 25.50 35.90
CA ASP D 272 20.09 26.57 36.89
C ASP D 272 18.81 26.63 37.72
N LYS D 273 17.65 26.31 37.14
CA LYS D 273 16.42 26.35 37.91
C LYS D 273 16.14 25.05 38.66
N GLY D 274 16.83 23.97 38.32
CA GLY D 274 16.70 22.73 39.04
C GLY D 274 15.45 21.92 38.74
N ARG D 275 14.63 22.34 37.79
CA ARG D 275 13.42 21.60 37.46
C ARG D 275 12.99 21.94 36.04
N ASP D 276 12.13 21.09 35.50
CA ASP D 276 11.61 21.27 34.15
C ASP D 276 10.49 22.30 34.14
N PRO D 277 10.20 22.89 32.97
CA PRO D 277 9.09 23.83 32.87
C PRO D 277 7.78 23.16 33.27
N SER D 278 6.92 23.93 33.92
CA SER D 278 5.64 23.41 34.40
C SER D 278 4.58 24.48 34.17
N SER D 279 3.41 24.07 33.68
CA SER D 279 2.41 25.00 33.19
C SER D 279 1.92 25.97 34.26
N ASP D 280 2.01 25.61 35.54
CA ASP D 280 1.53 26.49 36.60
C ASP D 280 2.39 27.75 36.76
N THR D 281 3.61 27.74 36.24
CA THR D 281 4.52 28.88 36.33
C THR D 281 4.93 29.38 34.95
N TYR D 282 3.97 29.52 34.03
CA TYR D 282 4.29 29.78 32.63
C TYR D 282 4.94 31.15 32.46
N GLU D 283 4.44 32.17 33.16
CA GLU D 283 4.83 33.55 32.83
C GLU D 283 6.24 33.87 33.28
N GLU D 284 6.53 33.71 34.57
CA GLU D 284 7.85 34.05 35.09
C GLU D 284 8.92 33.16 34.47
N ASP D 285 8.64 31.86 34.36
CA ASP D 285 9.59 30.95 33.72
C ASP D 285 9.79 31.30 32.25
N SER D 286 8.72 31.71 31.57
CA SER D 286 8.83 32.09 30.16
C SER D 286 9.74 33.31 29.98
N GLU D 287 9.55 34.33 30.83
CA GLU D 287 10.44 35.48 30.77
C GLU D 287 11.86 35.09 31.11
N LEU D 288 12.03 34.14 32.04
CA LEU D 288 13.36 33.65 32.36
C LEU D 288 14.00 32.97 31.16
N LEU D 289 13.23 32.16 30.44
CA LEU D 289 13.78 31.52 29.24
C LEU D 289 14.14 32.55 28.18
N LEU D 290 13.33 33.60 28.03
CA LEU D 290 13.64 34.64 27.05
C LEU D 290 14.95 35.34 27.40
N GLN D 291 15.10 35.76 28.66
CA GLN D 291 16.30 36.47 29.07
C GLN D 291 17.53 35.57 29.03
N ILE D 292 17.39 34.29 29.42
CA ILE D 292 18.54 33.40 29.37
C ILE D 292 18.87 33.03 27.93
N ARG D 293 17.86 33.04 27.05
CA ARG D 293 18.12 32.88 25.63
C ARG D 293 19.02 34.00 25.12
N ASN D 294 18.64 35.24 25.42
CA ASN D 294 19.51 36.37 25.08
C ASN D 294 20.91 36.17 25.64
N ASP D 295 20.99 35.82 26.93
CA ASP D 295 22.29 35.70 27.58
C ASP D 295 23.15 34.65 26.91
N VAL D 296 22.58 33.47 26.63
CA VAL D 296 23.39 32.38 26.09
C VAL D 296 23.79 32.66 24.64
N LEU D 297 22.87 33.17 23.81
CA LEU D 297 23.21 33.32 22.40
C LEU D 297 24.16 34.48 22.17
N ASP D 298 23.97 35.60 22.88
CA ASP D 298 24.95 36.67 22.78
C ASP D 298 26.29 36.27 23.39
N SER D 299 26.27 35.47 24.47
CA SER D 299 27.52 34.95 24.99
C SER D 299 28.17 33.96 24.02
N LEU D 300 27.37 33.08 23.40
CA LEU D 300 27.87 32.16 22.40
C LEU D 300 28.26 32.87 21.11
N GLY D 301 27.84 34.11 20.92
CA GLY D 301 28.26 34.88 19.77
C GLY D 301 27.29 34.87 18.60
N ILE D 302 26.01 34.62 18.83
CA ILE D 302 25.01 34.60 17.78
C ILE D 302 23.85 35.50 18.19
N SER D 303 23.18 36.06 17.19
CA SER D 303 22.11 37.01 17.46
C SER D 303 20.90 36.30 18.07
N PRO D 304 20.31 36.83 19.14
CA PRO D 304 19.15 36.16 19.74
C PRO D 304 17.92 36.14 18.86
N ASP D 305 17.84 37.00 17.83
CA ASP D 305 16.66 37.02 16.97
C ASP D 305 16.53 35.75 16.15
N LEU D 306 17.61 34.98 16.00
CA LEU D 306 17.54 33.69 15.31
C LEU D 306 16.60 32.72 16.00
N LEU D 307 16.33 32.91 17.29
CA LEU D 307 15.32 32.17 18.02
C LEU D 307 14.17 33.13 18.29
N PRO D 308 13.10 33.06 17.50
CA PRO D 308 12.00 34.02 17.66
C PRO D 308 11.36 33.93 19.03
N GLU D 309 10.85 35.07 19.50
CA GLU D 309 10.36 35.19 20.87
C GLU D 309 9.22 34.21 21.15
N ASP D 310 8.47 33.80 20.13
CA ASP D 310 7.33 32.91 20.36
C ASP D 310 7.76 31.47 20.61
N PHE D 311 9.05 31.17 20.58
CA PHE D 311 9.50 29.79 20.80
C PHE D 311 9.11 29.29 22.18
N VAL D 312 8.96 30.21 23.14
CA VAL D 312 8.55 29.81 24.48
C VAL D 312 7.14 29.23 24.48
N ARG D 313 6.22 29.84 23.73
CA ARG D 313 4.84 29.37 23.73
C ARG D 313 4.73 27.95 23.19
N TYR D 314 5.73 27.49 22.45
CA TYR D 314 5.74 26.14 21.92
C TYR D 314 6.44 25.14 22.84
N CYS D 315 7.63 25.48 23.33
CA CYS D 315 8.43 24.54 24.10
C CYS D 315 7.86 24.29 25.50
N PHE D 316 7.08 25.22 26.03
CA PHE D 316 6.64 25.17 27.42
C PHE D 316 5.45 24.20 27.58
N SER D 317 5.70 22.94 27.24
CA SER D 317 4.66 21.91 27.36
C SER D 317 5.31 20.54 27.20
N GLU D 318 4.56 19.52 27.61
CA GLU D 318 4.92 18.12 27.41
C GLU D 318 3.74 17.43 26.75
N MET D 319 3.92 16.97 25.51
CA MET D 319 2.81 16.45 24.71
C MET D 319 3.16 15.07 24.18
N ALA D 320 2.12 14.23 24.08
CA ALA D 320 2.31 12.86 23.60
C ALA D 320 2.82 12.79 22.17
N PRO D 321 2.29 13.55 21.20
CA PRO D 321 2.75 13.36 19.81
C PRO D 321 4.24 13.59 19.61
N VAL D 322 4.71 14.79 20.00
CA VAL D 322 6.10 15.15 19.78
C VAL D 322 7.02 14.24 20.56
N CYS D 323 6.59 13.82 21.75
CA CYS D 323 7.34 12.82 22.51
C CYS D 323 7.47 11.52 21.75
N ALA D 324 6.34 11.00 21.26
CA ALA D 324 6.35 9.68 20.63
C ALA D 324 7.20 9.68 19.38
N VAL D 325 7.13 10.73 18.57
CA VAL D 325 7.88 10.73 17.32
C VAL D 325 9.39 10.75 17.58
N VAL D 326 9.84 11.65 18.46
CA VAL D 326 11.28 11.74 18.70
C VAL D 326 11.76 10.45 19.35
N GLY D 327 10.93 9.84 20.21
CA GLY D 327 11.30 8.57 20.79
C GLY D 327 11.42 7.47 19.75
N GLY D 328 10.51 7.48 18.77
CA GLY D 328 10.59 6.49 17.70
C GLY D 328 11.85 6.63 16.89
N ILE D 329 12.24 7.85 16.56
CA ILE D 329 13.48 8.05 15.80
C ILE D 329 14.70 7.71 16.65
N LEU D 330 14.65 8.02 17.95
CA LEU D 330 15.74 7.64 18.83
C LEU D 330 15.88 6.12 18.89
N ALA D 331 14.75 5.42 18.96
CA ALA D 331 14.78 3.96 18.96
C ALA D 331 15.31 3.43 17.64
N GLN D 332 14.94 4.06 16.53
CA GLN D 332 15.49 3.67 15.23
C GLN D 332 17.01 3.79 15.24
N GLU D 333 17.52 4.92 15.73
CA GLU D 333 18.97 5.09 15.82
C GLU D 333 19.60 4.04 16.72
N ILE D 334 18.97 3.76 17.86
CA ILE D 334 19.52 2.80 18.81
C ILE D 334 19.61 1.42 18.18
N VAL D 335 18.53 0.98 17.52
CA VAL D 335 18.51 -0.35 16.95
C VAL D 335 19.44 -0.44 15.75
N LYS D 336 19.60 0.64 14.98
CA LYS D 336 20.57 0.64 13.89
C LYS D 336 21.98 0.50 14.43
N ALA D 337 22.29 1.22 15.50
CA ALA D 337 23.64 1.15 16.07
C ALA D 337 23.92 -0.21 16.68
N LEU D 338 22.97 -0.74 17.46
CA LEU D 338 23.16 -2.04 18.10
C LEU D 338 23.30 -3.16 17.10
N SER D 339 22.42 -3.19 16.09
CA SER D 339 22.50 -4.23 15.07
C SER D 339 23.65 -4.02 14.11
N GLN D 340 24.17 -2.80 14.01
CA GLN D 340 25.17 -2.43 13.01
C GLN D 340 24.72 -2.80 11.60
N ARG D 341 23.40 -2.75 11.37
CA ARG D 341 22.79 -3.18 10.14
C ARG D 341 22.44 -2.02 9.21
N ASP D 342 22.26 -0.82 9.74
CA ASP D 342 21.91 0.34 8.93
C ASP D 342 22.84 1.48 9.30
N PRO D 343 23.12 2.39 8.37
CA PRO D 343 24.04 3.49 8.66
C PRO D 343 23.41 4.48 9.62
N PRO D 344 24.02 4.70 10.79
CA PRO D 344 23.47 5.66 11.74
C PRO D 344 23.49 7.07 11.16
N HIS D 345 22.49 7.85 11.54
CA HIS D 345 22.49 9.25 11.16
C HIS D 345 23.56 10.01 11.94
N ASN D 346 23.83 11.23 11.49
CA ASN D 346 24.92 11.99 12.07
C ASN D 346 24.50 12.45 13.47
N ASN D 347 25.45 13.03 14.21
CA ASN D 347 25.38 13.07 15.67
C ASN D 347 24.13 13.74 16.21
N PHE D 348 23.54 14.68 15.48
CA PHE D 348 22.43 15.47 16.00
C PHE D 348 21.22 15.44 15.07
N PHE D 349 20.04 15.34 15.67
CA PHE D 349 18.78 15.48 14.94
C PHE D 349 17.80 16.25 15.80
N PHE D 350 17.02 17.12 15.16
CA PHE D 350 16.10 18.00 15.88
C PHE D 350 14.75 18.03 15.18
N PHE D 351 13.71 18.40 15.93
CA PHE D 351 12.35 18.40 15.42
C PHE D 351 11.69 19.71 15.85
N ASP D 352 11.04 20.39 14.90
CA ASP D 352 10.17 21.52 15.18
C ASP D 352 8.74 21.10 14.85
N GLY D 353 7.93 20.89 15.88
CA GLY D 353 6.58 20.39 15.70
C GLY D 353 5.61 21.34 15.01
N MET D 354 5.64 22.61 15.41
CA MET D 354 4.78 23.59 14.74
C MET D 354 5.19 23.77 13.28
N LYS D 355 6.50 23.72 13.00
CA LYS D 355 6.97 23.73 11.63
C LYS D 355 6.83 22.37 10.94
N GLY D 356 6.68 21.30 11.71
CA GLY D 356 6.45 19.99 11.14
C GLY D 356 7.59 19.45 10.31
N ASN D 357 8.82 19.54 10.81
CA ASN D 357 9.96 19.01 10.06
C ASN D 357 11.05 18.59 11.03
N GLY D 358 11.84 17.61 10.59
CA GLY D 358 12.97 17.13 11.36
C GLY D 358 14.27 17.28 10.60
N ILE D 359 15.32 17.73 11.28
CA ILE D 359 16.59 18.07 10.65
C ILE D 359 17.71 17.32 11.35
N VAL D 360 18.55 16.66 10.56
CA VAL D 360 19.78 16.02 11.06
C VAL D 360 20.93 16.97 10.77
N GLU D 361 21.80 17.15 11.76
CA GLU D 361 22.87 18.14 11.66
C GLU D 361 24.13 17.65 12.34
N CYS D 362 25.25 18.26 11.96
CA CYS D 362 26.57 17.94 12.47
C CYS D 362 27.10 19.11 13.27
N LEU D 363 27.39 18.87 14.55
CA LEU D 363 27.89 19.90 15.45
C LEU D 363 29.13 19.41 16.17
N GLY D 364 30.17 20.24 16.15
CA GLY D 364 31.40 19.95 16.85
C GLY D 364 32.07 18.65 16.47
N PRO D 365 32.34 18.45 15.16
CA PRO D 365 32.97 17.20 14.76
C PRO D 365 34.47 17.20 15.03
N ARG E 5 -2.87 19.41 32.44
CA ARG E 5 -2.65 19.18 31.02
C ARG E 5 -1.85 20.32 30.40
N GLY E 6 -0.82 19.96 29.64
CA GLY E 6 0.00 20.95 28.96
C GLY E 6 -0.58 21.47 27.66
N LEU E 7 -1.67 20.87 27.18
CA LEU E 7 -2.30 21.35 25.97
C LEU E 7 -2.97 22.70 26.21
N PRO E 8 -3.06 23.54 25.17
CA PRO E 8 -3.85 24.77 25.30
C PRO E 8 -5.31 24.42 25.56
N ARG E 9 -5.94 25.17 26.47
CA ARG E 9 -7.29 24.82 26.91
C ARG E 9 -8.29 24.96 25.78
N GLU E 10 -8.11 25.95 24.92
CA GLU E 10 -8.98 26.11 23.76
C GLU E 10 -9.01 24.85 22.90
N LEU E 11 -7.88 24.14 22.83
CA LEU E 11 -7.80 22.89 22.09
C LEU E 11 -7.99 21.68 22.99
N ALA E 12 -7.57 21.77 24.25
CA ALA E 12 -7.72 20.65 25.18
C ALA E 12 -9.20 20.34 25.41
N GLU E 13 -10.01 21.38 25.64
CA GLU E 13 -11.44 21.17 25.79
C GLU E 13 -12.09 20.70 24.50
N ALA E 14 -11.61 21.17 23.35
CA ALA E 14 -12.15 20.71 22.08
C ALA E 14 -11.90 19.22 21.88
N VAL E 15 -10.70 18.75 22.22
CA VAL E 15 -10.40 17.33 22.03
C VAL E 15 -11.03 16.49 23.14
N ALA E 16 -11.33 17.10 24.29
CA ALA E 16 -12.00 16.40 25.38
C ALA E 16 -13.52 16.48 25.29
N GLY E 17 -14.05 17.21 24.31
CA GLY E 17 -15.48 17.30 24.13
C GLY E 17 -15.94 16.76 22.80
N GLY E 18 -15.06 16.81 21.80
CA GLY E 18 -15.37 16.28 20.50
C GLY E 18 -15.25 14.77 20.46
N ARG E 19 -15.64 14.21 19.32
CA ARG E 19 -15.57 12.77 19.10
C ARG E 19 -14.79 12.49 17.83
N VAL E 20 -13.84 11.58 17.93
CA VAL E 20 -12.97 11.22 16.81
C VAL E 20 -12.93 9.70 16.69
N LEU E 21 -13.05 9.20 15.47
CA LEU E 21 -12.92 7.78 15.21
C LEU E 21 -11.61 7.53 14.51
N VAL E 22 -10.96 6.42 14.87
CA VAL E 22 -9.80 5.92 14.15
C VAL E 22 -10.11 4.50 13.70
N VAL E 23 -9.76 4.20 12.46
CA VAL E 23 -10.15 2.95 11.80
C VAL E 23 -8.91 2.07 11.65
N GLY E 24 -9.03 0.83 12.12
CA GLY E 24 -7.95 -0.14 12.00
C GLY E 24 -7.11 -0.21 13.26
N ALA E 25 -7.22 -1.31 13.99
CA ALA E 25 -6.41 -1.52 15.19
C ALA E 25 -5.06 -2.13 14.88
N GLY E 26 -4.33 -1.54 13.96
CA GLY E 26 -2.99 -1.99 13.64
C GLY E 26 -2.00 -1.50 14.67
N GLY E 27 -0.73 -1.79 14.41
CA GLY E 27 0.31 -1.24 15.25
C GLY E 27 0.24 0.27 15.18
N ILE E 28 0.06 0.78 13.96
CA ILE E 28 -0.18 2.21 13.77
C ILE E 28 -1.48 2.59 14.46
N GLY E 29 -2.50 1.75 14.36
CA GLY E 29 -3.75 2.04 15.04
C GLY E 29 -3.61 2.05 16.54
N CYS E 30 -2.92 1.06 17.10
CA CYS E 30 -2.78 1.00 18.56
C CYS E 30 -1.93 2.15 19.07
N GLU E 31 -0.83 2.46 18.39
CA GLU E 31 0.01 3.59 18.78
C GLU E 31 -0.77 4.90 18.65
N LEU E 32 -1.56 5.04 17.60
CA LEU E 32 -2.43 6.20 17.41
C LEU E 32 -3.42 6.34 18.55
N LEU E 33 -4.05 5.24 18.95
CA LEU E 33 -5.03 5.29 20.02
C LEU E 33 -4.37 5.66 21.35
N LYS E 34 -3.19 5.11 21.60
CA LYS E 34 -2.47 5.47 22.82
C LYS E 34 -2.10 6.95 22.83
N ASN E 35 -1.63 7.46 21.69
CA ASN E 35 -1.27 8.87 21.60
C ASN E 35 -2.50 9.75 21.82
N LEU E 36 -3.63 9.37 21.24
CA LEU E 36 -4.86 10.14 21.43
C LEU E 36 -5.29 10.12 22.89
N VAL E 37 -5.21 8.96 23.54
CA VAL E 37 -5.61 8.85 24.94
C VAL E 37 -4.71 9.72 25.82
N LEU E 38 -3.40 9.66 25.58
CA LEU E 38 -2.48 10.48 26.36
C LEU E 38 -2.68 11.97 26.08
N THR E 39 -3.03 12.32 24.84
CA THR E 39 -3.22 13.71 24.47
C THR E 39 -4.41 14.34 25.21
N GLY E 40 -5.39 13.54 25.59
CA GLY E 40 -6.57 14.05 26.26
C GLY E 40 -7.86 13.90 25.49
N PHE E 41 -7.85 13.12 24.42
CA PHE E 41 -9.08 12.88 23.66
C PHE E 41 -10.04 12.04 24.50
N SER E 42 -11.30 12.48 24.56
CA SER E 42 -12.25 11.82 25.44
C SER E 42 -12.97 10.68 24.75
N HIS E 43 -13.60 10.95 23.61
CA HIS E 43 -14.43 9.96 22.90
C HIS E 43 -13.69 9.52 21.64
N ILE E 44 -13.35 8.24 21.59
CA ILE E 44 -12.62 7.67 20.46
C ILE E 44 -13.32 6.39 20.02
N ASP E 45 -13.52 6.24 18.71
CA ASP E 45 -14.14 5.05 18.15
C ASP E 45 -13.10 4.24 17.41
N LEU E 46 -13.06 2.94 17.69
CA LEU E 46 -12.08 2.03 17.12
C LEU E 46 -12.82 0.88 16.45
N ILE E 47 -12.42 0.54 15.23
CA ILE E 47 -13.01 -0.59 14.52
C ILE E 47 -11.92 -1.38 13.82
N ASP E 48 -11.97 -2.71 13.96
CA ASP E 48 -11.06 -3.59 13.26
C ASP E 48 -11.75 -4.93 13.04
N LEU E 49 -11.48 -5.56 11.90
CA LEU E 49 -12.09 -6.85 11.58
C LEU E 49 -11.22 -8.02 12.00
N ASP E 50 -9.90 -7.85 12.05
CA ASP E 50 -8.98 -8.96 12.24
C ASP E 50 -8.77 -9.25 13.73
N THR E 51 -8.19 -10.41 14.00
CA THR E 51 -7.83 -10.84 15.34
C THR E 51 -6.31 -10.70 15.54
N ILE E 52 -5.89 -10.74 16.80
CA ILE E 52 -4.47 -10.64 17.11
C ILE E 52 -3.79 -11.94 16.70
N ASP E 53 -2.78 -11.82 15.84
CA ASP E 53 -1.99 -12.98 15.43
C ASP E 53 -0.71 -13.05 16.24
N VAL E 54 -0.03 -14.19 16.16
CA VAL E 54 1.24 -14.35 16.85
C VAL E 54 2.28 -13.40 16.27
N SER E 55 2.35 -13.32 14.94
CA SER E 55 3.28 -12.39 14.30
C SER E 55 2.88 -10.94 14.49
N ASN E 56 1.63 -10.69 14.87
CA ASN E 56 1.14 -9.33 15.09
C ASN E 56 1.79 -8.66 16.30
N LEU E 57 2.30 -9.46 17.24
CA LEU E 57 2.84 -8.90 18.48
C LEU E 57 4.11 -8.08 18.27
N ASN E 58 4.71 -8.14 17.08
CA ASN E 58 5.97 -7.44 16.84
C ASN E 58 5.82 -5.93 16.93
N ARG E 59 4.62 -5.41 16.65
CA ARG E 59 4.45 -3.96 16.57
C ARG E 59 3.32 -3.46 17.47
N GLN E 60 2.25 -4.23 17.59
CA GLN E 60 1.11 -3.84 18.43
C GLN E 60 1.50 -4.00 19.89
N PHE E 61 1.94 -2.90 20.50
CA PHE E 61 2.29 -2.92 21.91
C PHE E 61 1.07 -3.09 22.81
N LEU E 62 -0.12 -2.75 22.32
CA LEU E 62 -1.34 -2.93 23.12
C LEU E 62 -1.75 -4.39 23.24
N PHE E 63 -1.25 -5.26 22.36
CA PHE E 63 -1.63 -6.66 22.34
C PHE E 63 -0.52 -7.50 22.94
N GLN E 64 -0.88 -8.38 23.87
CA GLN E 64 0.08 -9.27 24.52
C GLN E 64 -0.04 -10.68 23.96
N LYS E 65 0.87 -11.55 24.41
CA LYS E 65 0.88 -12.94 23.94
C LYS E 65 -0.41 -13.65 24.34
N LYS E 66 -0.92 -13.38 25.54
CA LYS E 66 -2.14 -14.02 26.00
C LYS E 66 -3.37 -13.58 25.20
N HIS E 67 -3.25 -12.52 24.41
CA HIS E 67 -4.41 -11.93 23.76
C HIS E 67 -4.68 -12.50 22.37
N VAL E 68 -3.92 -13.51 21.93
CA VAL E 68 -4.16 -14.08 20.62
C VAL E 68 -5.52 -14.78 20.60
N GLY E 69 -6.22 -14.64 19.48
CA GLY E 69 -7.52 -15.26 19.30
C GLY E 69 -8.72 -14.36 19.50
N ARG E 70 -8.55 -13.22 20.16
CA ARG E 70 -9.67 -12.31 20.35
C ARG E 70 -9.66 -11.23 19.26
N SER E 71 -10.72 -10.44 19.23
CA SER E 71 -10.79 -9.33 18.28
C SER E 71 -9.79 -8.24 18.64
N LYS E 72 -9.22 -7.60 17.62
CA LYS E 72 -8.24 -6.54 17.86
C LYS E 72 -8.86 -5.36 18.61
N ALA E 73 -10.07 -4.97 18.23
CA ALA E 73 -10.70 -3.81 18.86
C ALA E 73 -10.97 -4.05 20.35
N GLN E 74 -11.49 -5.22 20.69
CA GLN E 74 -11.80 -5.52 22.08
C GLN E 74 -10.54 -5.50 22.94
N VAL E 75 -9.47 -6.12 22.44
CA VAL E 75 -8.23 -6.18 23.20
C VAL E 75 -7.58 -4.80 23.30
N ALA E 76 -7.66 -4.00 22.24
CA ALA E 76 -7.14 -2.64 22.31
C ALA E 76 -7.89 -1.83 23.37
N LYS E 77 -9.22 -1.96 23.40
CA LYS E 77 -10.00 -1.28 24.43
C LYS E 77 -9.59 -1.75 25.82
N GLU E 78 -9.48 -3.07 26.00
CA GLU E 78 -9.11 -3.60 27.31
C GLU E 78 -7.74 -3.11 27.75
N SER E 79 -6.80 -3.02 26.80
CA SER E 79 -5.47 -2.52 27.11
C SER E 79 -5.49 -1.04 27.47
N VAL E 80 -6.38 -0.26 26.84
CA VAL E 80 -6.38 1.17 27.17
C VAL E 80 -7.13 1.43 28.48
N LEU E 81 -7.85 0.41 28.95
CA LEU E 81 -8.50 0.53 30.27
C LEU E 81 -7.42 0.20 31.32
N GLN E 82 -6.29 -0.37 30.89
CA GLN E 82 -5.23 -0.72 31.82
C GLN E 82 -4.46 0.50 32.33
N PHE E 83 -4.52 1.63 31.62
CA PHE E 83 -3.82 2.83 32.06
C PHE E 83 -4.65 4.11 32.01
N TYR E 84 -5.84 4.10 31.40
CA TYR E 84 -6.69 5.29 31.34
C TYR E 84 -8.13 4.87 31.07
N PRO E 85 -8.83 4.36 32.09
CA PRO E 85 -10.24 4.02 31.90
C PRO E 85 -11.13 5.22 31.62
N LYS E 86 -10.66 6.43 31.94
CA LYS E 86 -11.49 7.62 31.80
C LYS E 86 -11.91 7.88 30.36
N ALA E 87 -11.09 7.47 29.39
CA ALA E 87 -11.41 7.74 27.99
C ALA E 87 -12.64 6.95 27.55
N ASN E 88 -13.47 7.59 26.73
CA ASN E 88 -14.64 6.96 26.17
C ASN E 88 -14.23 6.26 24.88
N ILE E 89 -14.20 4.92 24.91
CA ILE E 89 -13.72 4.12 23.79
C ILE E 89 -14.85 3.24 23.30
N VAL E 90 -15.09 3.26 21.99
CA VAL E 90 -16.08 2.41 21.35
C VAL E 90 -15.36 1.48 20.39
N ALA E 91 -15.56 0.18 20.55
CA ALA E 91 -14.88 -0.83 19.76
C ALA E 91 -15.87 -1.53 18.83
N TYR E 92 -15.45 -1.77 17.59
CA TYR E 92 -16.26 -2.45 16.59
C TYR E 92 -15.44 -3.56 15.98
N HIS E 93 -15.92 -4.80 16.09
CA HIS E 93 -15.27 -5.94 15.45
C HIS E 93 -15.96 -6.19 14.11
N ASP E 94 -15.60 -5.36 13.12
CA ASP E 94 -16.25 -5.41 11.82
C ASP E 94 -15.37 -4.69 10.80
N SER E 95 -15.76 -4.81 9.54
CA SER E 95 -15.07 -4.10 8.47
C SER E 95 -15.80 -2.79 8.16
N ILE E 96 -15.04 -1.82 7.65
CA ILE E 96 -15.61 -0.52 7.29
C ILE E 96 -16.57 -0.63 6.12
N MET E 97 -16.32 -1.54 5.18
CA MET E 97 -17.18 -1.69 4.01
C MET E 97 -18.58 -2.14 4.36
N ASN E 98 -18.83 -2.51 5.61
CA ASN E 98 -20.18 -2.84 6.05
C ASN E 98 -21.08 -1.62 5.90
N PRO E 99 -22.21 -1.74 5.19
CA PRO E 99 -22.99 -0.53 4.84
C PRO E 99 -23.60 0.20 6.03
N ASP E 100 -23.72 -0.44 7.20
CA ASP E 100 -24.32 0.24 8.34
C ASP E 100 -23.52 1.45 8.78
N TYR E 101 -22.24 1.53 8.41
CA TYR E 101 -21.42 2.70 8.66
C TYR E 101 -21.63 3.75 7.56
N ASN E 102 -22.82 4.35 7.60
CA ASN E 102 -23.27 5.25 6.54
C ASN E 102 -22.62 6.63 6.71
N VAL E 103 -23.11 7.58 5.91
CA VAL E 103 -22.61 8.95 6.00
C VAL E 103 -22.90 9.55 7.37
N GLU E 104 -24.05 9.21 7.97
CA GLU E 104 -24.37 9.71 9.30
C GLU E 104 -23.44 9.12 10.34
N PHE E 105 -22.97 7.89 10.12
CA PHE E 105 -22.04 7.27 11.06
C PHE E 105 -20.71 8.02 11.11
N PHE E 106 -20.35 8.71 10.03
CA PHE E 106 -19.11 9.48 10.03
C PHE E 106 -19.37 10.94 10.40
N ARG E 107 -20.56 11.45 10.10
CA ARG E 107 -20.85 12.86 10.37
C ARG E 107 -20.77 13.18 11.85
N GLN E 108 -21.01 12.19 12.72
CA GLN E 108 -20.96 12.41 14.15
C GLN E 108 -19.58 12.81 14.65
N PHE E 109 -18.53 12.48 13.91
CA PHE E 109 -17.16 12.70 14.36
C PHE E 109 -16.64 14.06 13.89
N ILE E 110 -15.85 14.68 14.75
CA ILE E 110 -15.24 15.97 14.40
C ILE E 110 -13.91 15.78 13.67
N LEU E 111 -13.26 14.63 13.82
CA LEU E 111 -12.00 14.35 13.16
C LEU E 111 -11.93 12.86 12.96
N VAL E 112 -11.14 12.43 11.98
CA VAL E 112 -11.02 11.02 11.64
C VAL E 112 -9.70 10.79 10.91
N MET E 113 -9.02 9.70 11.27
CA MET E 113 -7.73 9.34 10.69
C MET E 113 -7.74 7.86 10.34
N ASN E 114 -7.08 7.51 9.24
CA ASN E 114 -7.04 6.12 8.81
C ASN E 114 -5.73 5.47 9.18
N ALA E 115 -5.78 4.19 9.55
CA ALA E 115 -4.61 3.39 9.90
C ALA E 115 -4.70 2.03 9.22
N LEU E 116 -5.00 2.02 7.93
CA LEU E 116 -5.28 0.80 7.20
C LEU E 116 -4.06 0.36 6.41
N ASP E 117 -4.06 -0.93 6.03
CA ASP E 117 -3.04 -1.49 5.16
C ASP E 117 -3.55 -1.81 3.77
N ASN E 118 -4.87 -1.97 3.61
CA ASN E 118 -5.48 -2.31 2.33
C ASN E 118 -5.94 -1.04 1.64
N ARG E 119 -5.63 -0.93 0.34
CA ARG E 119 -5.95 0.29 -0.40
C ARG E 119 -7.45 0.47 -0.55
N ALA E 120 -8.19 -0.62 -0.73
CA ALA E 120 -9.63 -0.53 -0.95
C ALA E 120 -10.34 0.09 0.25
N ALA E 121 -9.98 -0.36 1.46
CA ALA E 121 -10.58 0.22 2.66
C ALA E 121 -10.23 1.70 2.79
N ARG E 122 -8.99 2.05 2.44
CA ARG E 122 -8.57 3.44 2.49
C ARG E 122 -9.39 4.31 1.54
N ASN E 123 -9.61 3.82 0.31
CA ASN E 123 -10.44 4.56 -0.63
C ASN E 123 -11.87 4.67 -0.13
N HIS E 124 -12.39 3.61 0.48
CA HIS E 124 -13.76 3.63 0.97
C HIS E 124 -13.93 4.65 2.08
N VAL E 125 -13.00 4.69 3.04
CA VAL E 125 -13.11 5.68 4.12
C VAL E 125 -12.90 7.08 3.57
N ASN E 126 -12.02 7.22 2.58
CA ASN E 126 -11.86 8.50 1.89
C ASN E 126 -13.21 9.00 1.36
N ARG E 127 -13.89 8.15 0.60
CA ARG E 127 -15.18 8.53 0.03
C ARG E 127 -16.20 8.83 1.12
N MET E 128 -16.24 8.01 2.16
CA MET E 128 -17.21 8.19 3.23
C MET E 128 -17.00 9.52 3.95
N CYS E 129 -15.74 9.85 4.26
CA CYS E 129 -15.45 11.09 4.96
C CYS E 129 -15.76 12.31 4.09
N LEU E 130 -15.41 12.24 2.80
CA LEU E 130 -15.77 13.34 1.91
C LEU E 130 -17.27 13.49 1.79
N ALA E 131 -18.01 12.38 1.86
CA ALA E 131 -19.46 12.45 1.93
C ALA E 131 -19.90 13.15 3.21
N ALA E 132 -19.23 12.86 4.32
CA ALA E 132 -19.57 13.45 5.61
C ALA E 132 -18.77 14.71 5.93
N ASP E 133 -17.96 15.19 4.98
CA ASP E 133 -17.17 16.42 5.11
C ASP E 133 -16.36 16.46 6.42
N VAL E 134 -16.03 15.28 6.93
CA VAL E 134 -15.20 15.13 8.12
C VAL E 134 -13.74 15.06 7.66
N PRO E 135 -12.85 15.89 8.20
CA PRO E 135 -11.46 15.88 7.74
C PRO E 135 -10.79 14.53 7.99
N LEU E 136 -9.94 14.13 7.03
CA LEU E 136 -9.19 12.89 7.09
C LEU E 136 -7.70 13.18 7.19
N ILE E 137 -6.98 12.25 7.82
CA ILE E 137 -5.53 12.29 7.91
C ILE E 137 -4.99 10.98 7.35
N GLU E 138 -4.40 11.05 6.16
CA GLU E 138 -3.90 9.86 5.48
C GLU E 138 -2.51 9.50 5.99
N SER E 139 -2.23 8.20 6.09
CA SER E 139 -0.93 7.74 6.54
C SER E 139 -0.66 6.33 6.01
N GLY E 140 0.60 5.93 6.07
CA GLY E 140 1.01 4.59 5.72
C GLY E 140 2.39 4.29 6.25
N THR E 141 2.62 3.02 6.58
CA THR E 141 3.87 2.59 7.16
C THR E 141 4.41 1.38 6.40
N ALA E 142 5.72 1.37 6.17
CA ALA E 142 6.37 0.25 5.52
C ALA E 142 7.85 0.25 5.87
N GLY E 143 8.26 -0.72 6.67
CA GLY E 143 9.66 -0.79 7.07
C GLY E 143 10.10 0.47 7.77
N TYR E 144 11.22 1.03 7.31
CA TYR E 144 11.71 2.31 7.80
C TYR E 144 11.09 3.50 7.06
N LEU E 145 9.92 3.34 6.46
CA LEU E 145 9.30 4.37 5.65
C LEU E 145 7.95 4.75 6.26
N GLY E 146 7.55 6.00 6.04
CA GLY E 146 6.27 6.44 6.54
C GLY E 146 5.93 7.83 6.02
N GLN E 147 4.65 8.16 6.11
CA GLN E 147 4.18 9.48 5.68
C GLN E 147 2.83 9.75 6.32
N VAL E 148 2.48 11.04 6.36
CA VAL E 148 1.16 11.48 6.80
C VAL E 148 0.65 12.52 5.82
N THR E 149 -0.67 12.67 5.78
CA THR E 149 -1.28 13.54 4.78
C THR E 149 -2.65 14.01 5.28
N THR E 150 -2.88 15.32 5.20
CA THR E 150 -4.19 15.86 5.55
C THR E 150 -5.14 15.79 4.36
N ILE E 151 -6.36 15.32 4.61
CA ILE E 151 -7.39 15.21 3.58
C ILE E 151 -8.57 16.05 4.06
N LYS E 152 -8.82 17.18 3.39
CA LYS E 152 -9.90 18.09 3.76
C LYS E 152 -10.75 18.38 2.54
N LYS E 153 -12.06 18.39 2.73
CA LYS E 153 -13.00 18.63 1.63
C LYS E 153 -12.84 20.06 1.11
N GLY E 154 -12.49 20.19 -0.16
CA GLY E 154 -12.45 21.48 -0.81
C GLY E 154 -11.27 22.35 -0.43
N VAL E 155 -10.30 21.82 0.31
CA VAL E 155 -9.12 22.58 0.67
C VAL E 155 -7.88 21.84 0.19
N THR E 156 -7.76 20.58 0.59
CA THR E 156 -6.66 19.73 0.18
C THR E 156 -7.14 18.69 -0.82
N GLU E 157 -6.18 18.09 -1.52
CA GLU E 157 -6.51 17.00 -2.43
C GLU E 157 -6.94 15.78 -1.62
N CYS E 158 -7.97 15.10 -2.11
CA CYS E 158 -8.40 13.87 -1.47
C CYS E 158 -7.51 12.71 -1.92
N TYR E 159 -7.61 11.60 -1.19
CA TYR E 159 -6.75 10.46 -1.49
C TYR E 159 -7.03 9.89 -2.87
N GLU E 160 -8.19 10.22 -3.44
CA GLU E 160 -8.53 9.73 -4.78
C GLU E 160 -8.22 10.75 -5.87
N CYS E 161 -7.65 11.90 -5.52
CA CYS E 161 -7.22 12.85 -6.56
C CYS E 161 -6.19 12.21 -7.47
N HIS E 162 -5.24 11.47 -6.91
CA HIS E 162 -4.30 10.70 -7.71
C HIS E 162 -4.58 9.22 -7.46
N PRO E 163 -5.25 8.53 -8.39
CA PRO E 163 -5.71 7.17 -8.12
C PRO E 163 -4.54 6.21 -7.94
N LYS E 164 -4.46 5.61 -6.75
CA LYS E 164 -3.42 4.66 -6.40
C LYS E 164 -4.00 3.26 -6.36
N PRO E 165 -3.47 2.32 -7.13
CA PRO E 165 -4.05 0.98 -7.20
C PRO E 165 -3.73 0.16 -5.96
N THR E 166 -4.44 -0.96 -5.84
CA THR E 166 -4.20 -1.91 -4.75
C THR E 166 -2.96 -2.74 -5.04
N GLN E 167 -2.77 -3.81 -4.26
CA GLN E 167 -1.57 -4.62 -4.39
C GLN E 167 -1.50 -5.27 -5.77
N ARG E 168 -0.28 -5.55 -6.21
CA ARG E 168 -0.05 -6.16 -7.52
C ARG E 168 -0.63 -7.56 -7.59
N THR E 169 -1.57 -7.77 -8.50
CA THR E 169 -2.21 -9.07 -8.70
C THR E 169 -1.67 -9.79 -9.92
N PHE E 170 -0.98 -9.09 -10.82
CA PHE E 170 -0.35 -9.60 -12.03
C PHE E 170 -1.41 -10.02 -13.05
N PRO E 171 -1.09 -9.98 -14.35
CA PRO E 171 -2.11 -10.27 -15.37
C PRO E 171 -2.73 -11.66 -15.26
N GLY E 172 -1.98 -12.66 -14.82
CA GLY E 172 -2.49 -14.02 -14.78
C GLY E 172 -2.14 -14.81 -16.01
N CYS E 173 -2.28 -14.18 -17.18
CA CYS E 173 -1.94 -14.86 -18.43
C CYS E 173 -0.46 -15.15 -18.53
N THR E 174 0.40 -14.30 -17.96
CA THR E 174 1.83 -14.54 -17.98
C THR E 174 2.21 -15.69 -17.04
N ILE E 175 1.60 -15.71 -15.85
CA ILE E 175 2.00 -16.71 -14.86
C ILE E 175 1.42 -18.07 -15.20
N ARG E 176 0.29 -18.10 -15.90
CA ARG E 176 -0.36 -19.38 -16.16
C ARG E 176 0.33 -20.20 -17.25
N ASN E 177 1.23 -19.60 -18.02
CA ASN E 177 1.92 -20.35 -19.07
C ASN E 177 3.43 -20.33 -18.90
N THR E 178 4.00 -19.17 -18.55
CA THR E 178 5.45 -19.01 -18.50
C THR E 178 5.85 -18.06 -17.37
N PRO E 179 5.87 -18.56 -16.13
CA PRO E 179 6.45 -17.77 -15.04
C PRO E 179 7.92 -17.50 -15.28
N SER E 180 8.36 -16.31 -14.88
CA SER E 180 9.76 -15.94 -15.02
C SER E 180 10.33 -15.29 -13.75
N GLU E 181 9.54 -15.15 -12.70
CA GLU E 181 9.97 -14.59 -11.43
C GLU E 181 9.40 -15.43 -10.30
N PRO E 182 10.04 -15.42 -9.13
CA PRO E 182 9.45 -16.13 -7.98
C PRO E 182 8.06 -15.65 -7.63
N ILE E 183 7.81 -14.35 -7.78
CA ILE E 183 6.47 -13.81 -7.56
C ILE E 183 5.48 -14.46 -8.51
N HIS E 184 5.93 -14.73 -9.75
CA HIS E 184 5.04 -15.33 -10.75
C HIS E 184 4.57 -16.71 -10.30
N CYS E 185 5.48 -17.58 -9.90
CA CYS E 185 5.06 -18.91 -9.47
C CYS E 185 4.32 -18.86 -8.14
N ILE E 186 4.62 -17.86 -7.30
CA ILE E 186 3.91 -17.73 -6.04
C ILE E 186 2.44 -17.39 -6.28
N VAL E 187 2.16 -16.41 -7.14
CA VAL E 187 0.78 -16.10 -7.45
C VAL E 187 0.15 -17.24 -8.25
N TRP E 188 0.96 -17.99 -9.01
CA TRP E 188 0.46 -19.19 -9.65
C TRP E 188 -0.05 -20.19 -8.62
N ALA E 189 0.72 -20.39 -7.55
CA ALA E 189 0.31 -21.31 -6.49
C ALA E 189 -0.95 -20.80 -5.80
N LYS E 190 -1.03 -19.49 -5.55
CA LYS E 190 -2.23 -18.92 -4.95
C LYS E 190 -3.45 -19.17 -5.83
N TYR E 191 -3.31 -18.93 -7.14
CA TYR E 191 -4.41 -19.14 -8.06
C TYR E 191 -4.81 -20.60 -8.11
N LEU E 192 -3.83 -21.51 -8.07
CA LEU E 192 -4.14 -22.94 -8.12
C LEU E 192 -4.85 -23.39 -6.85
N PHE E 193 -4.44 -22.84 -5.70
CA PHE E 193 -5.16 -23.13 -4.46
C PHE E 193 -6.59 -22.64 -4.54
N ASN E 194 -6.80 -21.43 -5.07
CA ASN E 194 -8.16 -20.93 -5.25
C ASN E 194 -8.94 -21.81 -6.23
N GLN E 195 -8.26 -22.33 -7.25
CA GLN E 195 -8.92 -23.15 -8.26
C GLN E 195 -9.40 -24.48 -7.71
N LEU E 196 -8.53 -25.21 -7.00
CA LEU E 196 -8.87 -26.56 -6.58
C LEU E 196 -9.30 -26.68 -5.13
N PHE E 197 -9.32 -25.58 -4.37
CA PHE E 197 -9.89 -25.58 -3.03
C PHE E 197 -10.83 -24.43 -2.76
N GLY E 198 -10.69 -23.29 -3.43
CA GLY E 198 -11.55 -22.16 -3.23
C GLY E 198 -12.82 -22.24 -4.06
N GLU E 199 -13.44 -21.08 -4.26
CA GLU E 199 -14.66 -21.01 -5.02
C GLU E 199 -14.39 -21.26 -6.50
N GLU E 200 -15.48 -21.36 -7.28
CA GLU E 200 -15.37 -21.59 -8.70
C GLU E 200 -15.10 -20.29 -9.45
N ASP E 201 -14.05 -19.57 -9.05
CA ASP E 201 -13.65 -18.33 -9.71
C ASP E 201 -12.80 -18.70 -10.91
N ALA E 202 -13.39 -18.59 -12.11
CA ALA E 202 -12.69 -18.97 -13.34
C ALA E 202 -11.47 -18.10 -13.61
N ASP E 203 -11.43 -16.87 -13.08
CA ASP E 203 -10.24 -16.04 -13.23
C ASP E 203 -9.05 -16.67 -12.52
N GLN E 204 -9.26 -17.20 -11.32
CA GLN E 204 -8.19 -17.85 -10.57
C GLN E 204 -7.84 -19.21 -11.12
N GLU E 205 -8.67 -19.78 -12.00
CA GLU E 205 -8.35 -21.07 -12.61
C GLU E 205 -7.07 -20.95 -13.43
N VAL E 206 -6.04 -21.68 -13.03
CA VAL E 206 -4.72 -21.58 -13.65
C VAL E 206 -4.22 -22.91 -14.19
N SER E 207 -4.76 -24.03 -13.73
CA SER E 207 -4.41 -25.34 -14.25
C SER E 207 -5.34 -25.72 -15.39
N PRO E 208 -4.81 -26.21 -16.51
CA PRO E 208 -5.63 -26.44 -17.70
C PRO E 208 -6.72 -27.48 -17.46
N ASP E 209 -7.85 -27.29 -18.15
CA ASP E 209 -8.97 -28.22 -18.10
C ASP E 209 -9.07 -28.98 -19.41
N ARG E 210 -9.08 -30.30 -19.32
CA ARG E 210 -9.09 -31.15 -20.51
C ARG E 210 -9.59 -32.54 -20.11
N ALA E 211 -9.35 -33.53 -20.95
CA ALA E 211 -9.52 -34.93 -20.56
C ALA E 211 -8.38 -35.25 -19.61
N ASP E 212 -8.64 -35.00 -18.32
CA ASP E 212 -7.57 -34.95 -17.33
C ASP E 212 -6.73 -36.22 -17.21
N PRO E 213 -7.30 -37.43 -17.13
CA PRO E 213 -6.43 -38.61 -16.92
C PRO E 213 -5.44 -38.86 -18.05
N GLU E 214 -5.69 -38.34 -19.24
CA GLU E 214 -4.78 -38.56 -20.37
C GLU E 214 -3.48 -37.78 -20.17
N ALA E 215 -2.35 -38.44 -20.47
CA ALA E 215 -1.05 -37.78 -20.49
C ALA E 215 -0.79 -37.21 -21.89
N ALA E 216 -1.37 -36.03 -22.13
CA ALA E 216 -1.40 -35.45 -23.47
C ALA E 216 0.00 -35.08 -23.94
N TRP E 217 0.27 -35.37 -25.21
CA TRP E 217 1.50 -34.95 -25.88
C TRP E 217 1.25 -34.91 -27.38
N GLU E 218 1.26 -33.69 -27.94
CA GLU E 218 1.03 -33.47 -29.36
C GLU E 218 -0.24 -34.17 -29.84
N PRO E 219 -1.42 -33.66 -29.49
CA PRO E 219 -2.66 -34.30 -29.94
C PRO E 219 -2.81 -34.34 -31.45
N THR E 220 -2.07 -33.50 -32.19
CA THR E 220 -2.12 -33.54 -33.65
C THR E 220 -1.69 -34.89 -34.20
N GLU E 221 -0.84 -35.62 -33.46
CA GLU E 221 -0.49 -36.98 -33.87
C GLU E 221 -1.67 -37.94 -33.81
N ALA E 222 -2.76 -37.55 -33.14
CA ALA E 222 -3.98 -38.33 -33.04
C ALA E 222 -5.17 -37.49 -33.50
N GLU E 223 -5.02 -36.86 -34.67
CA GLU E 223 -6.02 -35.90 -35.13
C GLU E 223 -7.39 -36.54 -35.33
N ALA E 224 -7.43 -37.77 -35.84
CA ALA E 224 -8.71 -38.45 -36.02
C ALA E 224 -9.40 -38.70 -34.68
N ARG E 225 -8.62 -39.10 -33.67
CA ARG E 225 -9.20 -39.36 -32.35
C ARG E 225 -9.76 -38.08 -31.74
N ALA E 226 -9.04 -36.96 -31.91
CA ALA E 226 -9.44 -35.69 -31.30
C ALA E 226 -10.80 -35.21 -31.75
N ARG E 227 -11.31 -35.68 -32.89
CA ARG E 227 -12.66 -35.34 -33.33
C ARG E 227 -13.60 -36.53 -33.42
N ALA E 228 -13.12 -37.77 -33.29
CA ALA E 228 -14.04 -38.90 -33.29
C ALA E 228 -14.42 -39.32 -31.88
N SER E 229 -13.45 -39.33 -30.95
CA SER E 229 -13.73 -39.73 -29.58
C SER E 229 -14.67 -38.74 -28.88
N ASN E 230 -14.48 -37.44 -29.11
CA ASN E 230 -15.29 -36.42 -28.47
C ASN E 230 -15.64 -35.35 -29.49
N GLU E 231 -16.77 -34.69 -29.25
CA GLU E 231 -17.24 -33.63 -30.13
C GLU E 231 -16.44 -32.35 -29.87
N ASP E 232 -16.85 -31.27 -30.54
CA ASP E 232 -16.23 -29.97 -30.35
C ASP E 232 -16.40 -29.50 -28.90
N GLY E 233 -15.33 -28.95 -28.35
CA GLY E 233 -15.32 -28.51 -26.97
C GLY E 233 -14.40 -29.27 -26.04
N ASP E 234 -13.69 -30.28 -26.55
CA ASP E 234 -12.72 -31.05 -25.77
C ASP E 234 -13.40 -31.69 -24.56
N ILE E 235 -14.29 -32.64 -24.86
CA ILE E 235 -15.07 -33.42 -23.90
C ILE E 235 -15.71 -32.49 -22.87
N LYS E 236 -16.06 -31.28 -23.31
CA LYS E 236 -16.72 -30.27 -22.48
C LYS E 236 -15.86 -29.81 -21.31
N ARG E 237 -14.53 -29.96 -21.45
CA ARG E 237 -13.57 -29.33 -20.55
C ARG E 237 -13.81 -29.70 -19.08
N ILE E 238 -13.58 -30.96 -18.73
CA ILE E 238 -13.74 -31.43 -17.36
C ILE E 238 -13.01 -30.48 -16.41
N SER E 239 -13.75 -29.95 -15.43
CA SER E 239 -13.20 -28.94 -14.53
C SER E 239 -12.13 -29.55 -13.63
N THR E 240 -11.06 -28.78 -13.40
CA THR E 240 -10.01 -29.23 -12.49
C THR E 240 -10.53 -29.41 -11.08
N LYS E 241 -11.34 -28.47 -10.60
CA LYS E 241 -11.91 -28.58 -9.27
C LYS E 241 -12.79 -29.82 -9.16
N GLU E 242 -13.65 -30.04 -10.15
CA GLU E 242 -14.50 -31.22 -10.15
C GLU E 242 -13.67 -32.49 -10.25
N TRP E 243 -12.64 -32.48 -11.08
CA TRP E 243 -11.77 -33.64 -11.20
C TRP E 243 -11.10 -33.98 -9.88
N ALA E 244 -10.57 -32.97 -9.19
CA ALA E 244 -9.90 -33.20 -7.91
C ALA E 244 -10.88 -33.70 -6.87
N LYS E 245 -12.09 -33.12 -6.85
CA LYS E 245 -13.09 -33.57 -5.89
C LYS E 245 -13.51 -35.01 -6.16
N SER E 246 -13.69 -35.36 -7.43
CA SER E 246 -14.09 -36.73 -7.79
C SER E 246 -12.99 -37.73 -7.48
N THR E 247 -11.73 -37.39 -7.73
CA THR E 247 -10.62 -38.28 -7.47
C THR E 247 -10.25 -38.35 -5.99
N GLY E 248 -10.97 -37.65 -5.13
CA GLY E 248 -10.66 -37.66 -3.72
C GLY E 248 -9.37 -36.99 -3.36
N TYR E 249 -8.87 -36.10 -4.22
CA TYR E 249 -7.61 -35.39 -4.00
C TYR E 249 -6.46 -36.37 -3.77
N ASP E 250 -6.29 -37.28 -4.73
CA ASP E 250 -5.20 -38.24 -4.67
C ASP E 250 -3.88 -37.50 -4.80
N PRO E 251 -2.97 -37.60 -3.82
CA PRO E 251 -1.71 -36.85 -3.92
C PRO E 251 -0.90 -37.20 -5.15
N VAL E 252 -0.82 -38.48 -5.52
CA VAL E 252 -0.04 -38.87 -6.70
C VAL E 252 -0.72 -38.39 -7.97
N LYS E 253 -2.04 -38.59 -8.07
CA LYS E 253 -2.75 -38.17 -9.28
C LYS E 253 -2.71 -36.66 -9.45
N LEU E 254 -2.93 -35.91 -8.37
CA LEU E 254 -2.85 -34.46 -8.44
C LEU E 254 -1.43 -34.02 -8.79
N PHE E 255 -0.43 -34.65 -8.17
CA PHE E 255 0.95 -34.28 -8.43
C PHE E 255 1.30 -34.49 -9.90
N THR E 256 0.93 -35.65 -10.46
CA THR E 256 1.27 -35.91 -11.85
C THR E 256 0.48 -34.99 -12.78
N LYS E 257 -0.79 -34.70 -12.45
CA LYS E 257 -1.58 -33.83 -13.29
C LYS E 257 -0.99 -32.42 -13.35
N LEU E 258 -0.61 -31.87 -12.21
CA LEU E 258 -0.14 -30.49 -12.18
C LEU E 258 1.38 -30.34 -12.22
N PHE E 259 2.13 -31.43 -12.38
CA PHE E 259 3.58 -31.29 -12.50
C PHE E 259 4.22 -32.14 -13.59
N LYS E 260 3.52 -33.11 -14.18
CA LYS E 260 4.07 -33.89 -15.29
C LYS E 260 3.24 -33.75 -16.55
N ASP E 261 1.93 -33.99 -16.47
CA ASP E 261 1.08 -33.96 -17.65
C ASP E 261 0.89 -32.53 -18.16
N ASP E 262 0.56 -31.60 -17.27
CA ASP E 262 0.35 -30.22 -17.68
C ASP E 262 1.64 -29.58 -18.17
N ILE E 263 2.79 -29.99 -17.62
CA ILE E 263 4.06 -29.46 -18.09
C ILE E 263 4.31 -29.86 -19.54
N ARG E 264 4.04 -31.13 -19.87
CA ARG E 264 4.17 -31.57 -21.26
C ARG E 264 3.14 -30.86 -22.15
N TYR E 265 1.93 -30.66 -21.62
CA TYR E 265 0.90 -29.94 -22.35
C TYR E 265 1.36 -28.53 -22.69
N LEU E 266 2.04 -27.87 -21.75
CA LEU E 266 2.66 -26.59 -22.03
C LEU E 266 3.79 -26.72 -23.03
N LEU E 267 4.57 -27.80 -22.92
CA LEU E 267 5.68 -28.06 -23.83
C LEU E 267 5.21 -28.29 -25.26
N THR E 268 3.92 -28.55 -25.47
CA THR E 268 3.39 -28.61 -26.81
C THR E 268 3.58 -27.29 -27.57
N MET E 269 3.73 -26.17 -26.87
CA MET E 269 3.92 -24.87 -27.48
C MET E 269 5.39 -24.64 -27.86
N ASP E 270 5.78 -25.29 -28.97
CA ASP E 270 7.15 -25.12 -29.46
C ASP E 270 7.44 -23.67 -29.85
N LYS E 271 6.42 -22.95 -30.31
CA LYS E 271 6.60 -21.54 -30.65
C LYS E 271 6.95 -20.69 -29.44
N LEU E 272 6.61 -21.15 -28.23
CA LEU E 272 6.95 -20.42 -27.03
C LEU E 272 8.38 -20.74 -26.59
N TRP E 273 8.78 -22.00 -26.68
CA TRP E 273 10.08 -22.43 -26.19
C TRP E 273 11.19 -22.25 -27.22
N ARG E 274 10.88 -21.76 -28.41
CA ARG E 274 11.94 -21.40 -29.35
C ARG E 274 12.72 -20.18 -28.87
N LYS E 275 12.15 -19.38 -27.97
CA LYS E 275 12.82 -18.26 -27.35
C LYS E 275 13.09 -18.48 -25.87
N ARG E 276 12.05 -18.82 -25.10
CA ARG E 276 12.21 -19.12 -23.69
C ARG E 276 12.77 -20.53 -23.52
N LYS E 277 13.49 -20.75 -22.43
CA LYS E 277 14.01 -22.06 -22.12
C LYS E 277 12.87 -23.00 -21.75
N PRO E 278 12.71 -24.13 -22.42
CA PRO E 278 11.58 -25.03 -22.11
C PRO E 278 11.70 -25.59 -20.70
N PRO E 279 10.57 -25.75 -20.01
CA PRO E 279 10.61 -26.34 -18.66
C PRO E 279 10.78 -27.85 -18.73
N VAL E 280 10.78 -28.51 -17.58
CA VAL E 280 10.94 -29.96 -17.51
C VAL E 280 9.81 -30.55 -16.67
N PRO E 281 9.27 -31.71 -17.07
CA PRO E 281 8.25 -32.36 -16.25
C PRO E 281 8.87 -33.24 -15.18
N LEU E 282 8.29 -33.19 -13.99
CA LEU E 282 8.71 -34.01 -12.87
C LEU E 282 7.60 -35.02 -12.55
N ASP E 283 7.99 -36.28 -12.35
CA ASP E 283 7.06 -37.35 -12.06
C ASP E 283 7.21 -37.73 -10.59
N TRP E 284 6.08 -38.08 -9.95
CA TRP E 284 6.10 -38.40 -8.53
C TRP E 284 6.98 -39.63 -8.25
N ALA E 285 6.90 -40.64 -9.11
CA ALA E 285 7.61 -41.89 -8.85
C ALA E 285 9.12 -41.68 -8.81
N GLU E 286 9.67 -41.02 -9.84
CA GLU E 286 11.11 -40.84 -9.89
C GLU E 286 11.60 -39.88 -8.82
N VAL E 287 10.82 -38.84 -8.52
CA VAL E 287 11.21 -37.89 -7.48
C VAL E 287 11.23 -38.58 -6.12
N GLN E 288 10.23 -39.39 -5.83
CA GLN E 288 10.18 -40.06 -4.52
C GLN E 288 11.24 -41.15 -4.42
N SER E 289 11.45 -41.89 -5.51
CA SER E 289 12.33 -43.07 -5.47
C SER E 289 13.77 -42.77 -5.86
N GLN E 290 14.13 -41.52 -6.10
CA GLN E 290 15.50 -41.19 -6.50
C GLN E 290 16.50 -41.46 -5.38
N GLY E 291 16.07 -41.56 -4.14
CA GLY E 291 16.97 -41.82 -3.03
C GLY E 291 17.87 -40.65 -2.69
N LEU E 305 22.51 -21.82 10.94
CA LEU E 305 21.46 -22.69 10.42
C LEU E 305 20.24 -21.88 10.00
N GLY E 306 19.93 -20.83 10.75
CA GLY E 306 18.78 -20.01 10.47
C GLY E 306 17.49 -20.67 10.93
N LEU E 307 16.38 -20.06 10.53
CA LEU E 307 15.07 -20.56 10.90
C LEU E 307 14.75 -21.86 10.13
N LYS E 308 13.71 -22.55 10.61
CA LYS E 308 13.23 -23.75 9.92
C LYS E 308 12.60 -23.45 8.57
N ASP E 309 12.26 -22.18 8.30
CA ASP E 309 11.64 -21.79 7.05
C ASP E 309 12.59 -21.07 6.11
N GLN E 310 13.82 -20.81 6.51
CA GLN E 310 14.75 -20.02 5.71
C GLN E 310 15.68 -20.85 4.83
N GLN E 311 15.62 -22.17 4.93
CA GLN E 311 16.48 -23.02 4.11
C GLN E 311 15.65 -23.73 3.04
N VAL E 312 16.21 -23.79 1.83
CA VAL E 312 15.55 -24.46 0.73
C VAL E 312 15.69 -25.97 0.91
N LEU E 313 14.64 -26.70 0.55
CA LEU E 313 14.62 -28.15 0.71
C LEU E 313 14.78 -28.82 -0.66
N ASP E 314 14.79 -30.14 -0.64
CA ASP E 314 14.90 -30.92 -1.87
C ASP E 314 13.51 -31.13 -2.47
N VAL E 315 13.50 -31.42 -3.78
CA VAL E 315 12.24 -31.60 -4.50
C VAL E 315 11.46 -32.77 -3.92
N LYS E 316 12.17 -33.80 -3.43
CA LYS E 316 11.49 -34.92 -2.80
C LYS E 316 10.83 -34.50 -1.49
N SER E 317 11.55 -33.70 -0.68
CA SER E 317 10.96 -33.18 0.55
C SER E 317 9.79 -32.26 0.25
N TYR E 318 9.92 -31.45 -0.81
CA TYR E 318 8.80 -30.58 -1.19
C TYR E 318 7.60 -31.40 -1.65
N ALA E 319 7.84 -32.51 -2.34
CA ALA E 319 6.74 -33.37 -2.74
C ALA E 319 6.06 -34.00 -1.53
N ARG E 320 6.86 -34.43 -0.55
CA ARG E 320 6.28 -34.97 0.68
C ARG E 320 5.44 -33.92 1.40
N LEU E 321 5.96 -32.69 1.48
CA LEU E 321 5.20 -31.60 2.08
C LEU E 321 3.93 -31.33 1.29
N PHE E 322 4.00 -31.41 -0.04
CA PHE E 322 2.83 -31.23 -0.88
C PHE E 322 1.76 -32.28 -0.56
N SER E 323 2.18 -33.54 -0.45
CA SER E 323 1.23 -34.61 -0.16
C SER E 323 0.59 -34.40 1.21
N LYS E 324 1.40 -34.09 2.23
CA LYS E 324 0.85 -33.87 3.55
C LYS E 324 -0.10 -32.68 3.57
N SER E 325 0.27 -31.60 2.88
CA SER E 325 -0.56 -30.40 2.86
C SER E 325 -1.88 -30.67 2.16
N ILE E 326 -1.86 -31.39 1.04
CA ILE E 326 -3.11 -31.66 0.34
C ILE E 326 -3.98 -32.61 1.15
N GLU E 327 -3.37 -33.55 1.88
CA GLU E 327 -4.17 -34.42 2.76
C GLU E 327 -4.85 -33.58 3.84
N THR E 328 -4.10 -32.69 4.49
CA THR E 328 -4.69 -31.85 5.53
C THR E 328 -5.77 -30.94 4.98
N LEU E 329 -5.55 -30.36 3.79
CA LEU E 329 -6.54 -29.48 3.20
C LEU E 329 -7.79 -30.25 2.77
N ARG E 330 -7.61 -31.49 2.32
CA ARG E 330 -8.77 -32.33 2.01
C ARG E 330 -9.56 -32.65 3.28
N VAL E 331 -8.86 -32.89 4.39
CA VAL E 331 -9.55 -33.09 5.66
C VAL E 331 -10.34 -31.84 6.05
N HIS E 332 -9.72 -30.67 5.91
CA HIS E 332 -10.40 -29.43 6.24
C HIS E 332 -11.61 -29.19 5.34
N LEU E 333 -11.49 -29.53 4.06
CA LEU E 333 -12.63 -29.43 3.15
C LEU E 333 -13.73 -30.40 3.57
N ALA E 334 -13.36 -31.61 3.98
CA ALA E 334 -14.34 -32.56 4.52
C ALA E 334 -15.02 -32.02 5.76
N GLU E 335 -14.34 -31.20 6.55
CA GLU E 335 -14.99 -30.49 7.64
C GLU E 335 -16.07 -29.54 7.13
N LYS E 336 -15.93 -29.02 5.91
CA LYS E 336 -16.95 -28.22 5.27
C LYS E 336 -17.94 -29.12 4.55
N GLY E 337 -19.03 -28.51 4.07
CA GLY E 337 -20.08 -29.28 3.43
C GLY E 337 -20.07 -29.13 1.92
N ASP E 338 -20.37 -30.25 1.24
CA ASP E 338 -20.61 -30.32 -0.20
C ASP E 338 -19.44 -29.80 -1.02
N GLY E 339 -18.30 -29.55 -0.39
CA GLY E 339 -17.18 -28.94 -1.05
C GLY E 339 -17.10 -27.43 -0.92
N ALA E 340 -17.42 -26.88 0.25
CA ALA E 340 -17.39 -25.43 0.43
C ALA E 340 -15.96 -24.92 0.27
N GLU E 341 -15.86 -23.70 -0.25
CA GLU E 341 -14.56 -23.11 -0.54
C GLU E 341 -13.75 -22.88 0.72
N LEU E 342 -12.44 -22.94 0.59
CA LEU E 342 -11.51 -22.65 1.68
C LEU E 342 -10.74 -21.38 1.34
N ILE E 343 -10.95 -20.33 2.15
CA ILE E 343 -10.29 -19.06 1.89
C ILE E 343 -8.82 -19.17 2.26
N TRP E 344 -7.96 -18.65 1.38
CA TRP E 344 -6.52 -18.70 1.62
C TRP E 344 -6.13 -17.73 2.72
N ASP E 345 -5.05 -18.08 3.43
CA ASP E 345 -4.52 -17.23 4.48
C ASP E 345 -3.01 -17.37 4.52
N LYS E 346 -2.35 -16.38 5.12
CA LYS E 346 -0.90 -16.36 5.21
C LYS E 346 -0.38 -16.97 6.50
N ASP E 347 -1.24 -17.55 7.32
CA ASP E 347 -0.80 -18.09 8.61
C ASP E 347 -1.21 -19.54 8.79
N ASP E 348 -2.09 -20.03 7.92
CA ASP E 348 -2.55 -21.41 8.02
C ASP E 348 -1.42 -22.35 7.62
N PRO E 349 -0.99 -23.25 8.49
CA PRO E 349 0.16 -24.11 8.15
C PRO E 349 -0.09 -25.00 6.94
N SER E 350 -1.26 -25.61 6.84
CA SER E 350 -1.51 -26.55 5.76
C SER E 350 -1.51 -25.84 4.40
N ALA E 351 -2.30 -24.78 4.27
CA ALA E 351 -2.39 -24.07 3.01
C ALA E 351 -1.05 -23.44 2.64
N MET E 352 -0.34 -22.91 3.63
CA MET E 352 0.91 -22.23 3.34
C MET E 352 1.98 -23.24 2.91
N ASP E 353 2.04 -24.38 3.59
CA ASP E 353 2.93 -25.45 3.13
C ASP E 353 2.58 -25.85 1.71
N PHE E 354 1.29 -25.94 1.40
CA PHE E 354 0.84 -26.24 0.05
C PHE E 354 1.40 -25.24 -0.95
N VAL E 355 1.27 -23.94 -0.65
CA VAL E 355 1.66 -22.93 -1.63
C VAL E 355 3.17 -22.88 -1.80
N THR E 356 3.93 -23.02 -0.70
CA THR E 356 5.39 -23.06 -0.87
C THR E 356 5.81 -24.29 -1.66
N SER E 357 5.21 -25.45 -1.40
CA SER E 357 5.55 -26.64 -2.15
C SER E 357 5.27 -26.44 -3.64
N ALA E 358 4.09 -25.90 -3.96
CA ALA E 358 3.73 -25.68 -5.35
C ALA E 358 4.69 -24.69 -6.02
N ALA E 359 5.01 -23.59 -5.32
CA ALA E 359 5.87 -22.58 -5.90
C ALA E 359 7.28 -23.12 -6.16
N ASN E 360 7.82 -23.87 -5.19
CA ASN E 360 9.17 -24.42 -5.38
C ASN E 360 9.18 -25.48 -6.47
N LEU E 361 8.12 -26.29 -6.55
CA LEU E 361 8.03 -27.27 -7.62
C LEU E 361 7.97 -26.58 -8.98
N ARG E 362 7.24 -25.47 -9.08
CA ARG E 362 7.19 -24.71 -10.33
C ARG E 362 8.55 -24.11 -10.66
N MET E 363 9.26 -23.61 -9.63
CA MET E 363 10.59 -23.05 -9.86
C MET E 363 11.54 -24.11 -10.40
N HIS E 364 11.48 -25.32 -9.83
CA HIS E 364 12.29 -26.41 -10.36
C HIS E 364 11.80 -26.84 -11.74
N ILE E 365 10.52 -26.63 -12.03
CA ILE E 365 9.99 -26.95 -13.36
C ILE E 365 10.63 -26.04 -14.41
N PHE E 366 10.68 -24.75 -14.14
CA PHE E 366 11.20 -23.78 -15.10
C PHE E 366 12.68 -23.50 -14.91
N SER E 367 13.43 -24.45 -14.35
CA SER E 367 14.88 -24.35 -14.19
C SER E 367 15.29 -23.14 -13.34
N MET E 368 14.46 -22.75 -12.38
CA MET E 368 14.77 -21.62 -11.52
C MET E 368 15.14 -22.10 -10.13
N ASN E 369 15.88 -21.25 -9.40
CA ASN E 369 16.42 -21.63 -8.10
C ASN E 369 15.29 -21.84 -7.09
N MET E 370 15.56 -22.72 -6.13
CA MET E 370 14.60 -22.96 -5.06
C MET E 370 14.49 -21.75 -4.15
N LYS E 371 13.30 -21.55 -3.58
CA LYS E 371 13.05 -20.43 -2.68
C LYS E 371 12.50 -20.97 -1.37
N SER E 372 13.07 -20.53 -0.26
CA SER E 372 12.71 -21.05 1.04
C SER E 372 11.30 -20.62 1.43
N ARG E 373 10.73 -21.34 2.40
CA ARG E 373 9.39 -21.05 2.88
C ARG E 373 9.30 -19.63 3.44
N PHE E 374 10.42 -19.11 3.95
CA PHE E 374 10.42 -17.75 4.51
C PHE E 374 10.10 -16.71 3.44
N ASP E 375 10.74 -16.82 2.28
CA ASP E 375 10.49 -15.85 1.20
C ASP E 375 9.09 -16.03 0.63
N ILE E 376 8.60 -17.28 0.57
CA ILE E 376 7.24 -17.51 0.10
C ILE E 376 6.25 -16.87 1.05
N LYS E 377 6.51 -16.97 2.36
CA LYS E 377 5.67 -16.27 3.33
C LYS E 377 5.77 -14.76 3.15
N SER E 378 6.96 -14.27 2.79
CA SER E 378 7.16 -12.84 2.58
C SER E 378 6.29 -12.32 1.45
N MET E 379 6.49 -12.85 0.24
CA MET E 379 5.83 -12.29 -0.94
C MET E 379 4.53 -13.00 -1.31
N ALA E 380 4.05 -13.95 -0.51
CA ALA E 380 2.80 -14.63 -0.83
C ALA E 380 1.60 -13.82 -0.33
N GLY E 381 1.54 -13.56 0.97
CA GLY E 381 0.52 -12.71 1.53
C GLY E 381 0.79 -11.24 1.40
N ASN E 382 1.88 -10.87 0.72
CA ASN E 382 2.31 -9.48 0.57
C ASN E 382 2.47 -8.85 1.95
N ILE E 383 3.26 -9.51 2.81
CA ILE E 383 3.49 -9.02 4.16
C ILE E 383 4.47 -7.86 4.08
N ILE E 384 4.00 -6.67 4.43
CA ILE E 384 4.84 -5.47 4.42
C ILE E 384 5.57 -5.38 5.74
N PRO E 385 6.90 -5.41 5.75
CA PRO E 385 7.64 -5.26 7.01
C PRO E 385 7.42 -3.88 7.62
N ALA E 386 7.43 -3.82 8.94
CA ALA E 386 7.27 -2.56 9.64
C ALA E 386 7.88 -2.70 11.03
N ILE E 387 8.49 -1.61 11.49
CA ILE E 387 9.13 -1.55 12.81
C ILE E 387 8.30 -0.62 13.68
N ALA E 388 8.27 -0.92 14.98
CA ALA E 388 7.53 -0.08 15.93
C ALA E 388 8.08 1.34 15.97
N THR E 389 9.34 1.56 15.59
CA THR E 389 9.88 2.92 15.49
C THR E 389 9.06 3.76 14.52
N THR E 390 9.01 3.33 13.25
CA THR E 390 8.29 4.08 12.23
C THR E 390 6.80 4.13 12.53
N ASN E 391 6.26 3.05 13.08
CA ASN E 391 4.86 3.05 13.45
C ASN E 391 4.58 4.14 14.48
N ALA E 392 5.45 4.25 15.50
CA ALA E 392 5.30 5.25 16.55
C ALA E 392 5.41 6.66 16.00
N VAL E 393 6.40 6.89 15.14
CA VAL E 393 6.58 8.24 14.59
C VAL E 393 5.40 8.60 13.68
N ILE E 394 4.85 7.63 12.96
CA ILE E 394 3.72 7.93 12.10
C ILE E 394 2.50 8.27 12.94
N ALA E 395 2.28 7.53 14.02
CA ALA E 395 1.14 7.83 14.89
C ALA E 395 1.30 9.19 15.56
N GLY E 396 2.52 9.53 15.97
CA GLY E 396 2.76 10.84 16.56
C GLY E 396 2.52 11.95 15.56
N LEU E 397 3.00 11.78 14.33
CA LEU E 397 2.72 12.75 13.28
C LEU E 397 1.23 12.89 13.07
N ILE E 398 0.50 11.77 13.11
CA ILE E 398 -0.93 11.79 12.85
C ILE E 398 -1.63 12.63 13.92
N VAL E 399 -1.32 12.36 15.19
CA VAL E 399 -1.98 13.11 16.26
C VAL E 399 -1.56 14.57 16.27
N LEU E 400 -0.29 14.87 15.94
CA LEU E 400 0.12 16.26 15.83
C LEU E 400 -0.68 16.98 14.74
N GLU E 401 -0.81 16.35 13.58
CA GLU E 401 -1.60 16.93 12.51
C GLU E 401 -3.07 17.06 12.90
N GLY E 402 -3.58 16.10 13.68
CA GLY E 402 -4.96 16.18 14.11
C GLY E 402 -5.23 17.33 15.05
N LEU E 403 -4.33 17.54 16.01
CA LEU E 403 -4.49 18.69 16.89
C LEU E 403 -4.30 20.00 16.14
N LYS E 404 -3.47 20.00 15.10
CA LYS E 404 -3.39 21.18 14.24
C LYS E 404 -4.70 21.41 13.51
N ILE E 405 -5.34 20.34 13.03
CA ILE E 405 -6.59 20.47 12.29
C ILE E 405 -7.69 21.00 13.20
N LEU E 406 -7.83 20.41 14.39
CA LEU E 406 -8.85 20.87 15.32
C LEU E 406 -8.60 22.28 15.81
N SER E 407 -7.34 22.73 15.79
CA SER E 407 -7.04 24.12 16.10
C SER E 407 -7.44 25.07 14.99
N GLY E 408 -7.83 24.54 13.82
CA GLY E 408 -8.16 25.36 12.68
C GLY E 408 -6.98 25.80 11.85
N LYS E 409 -5.76 25.36 12.19
CA LYS E 409 -4.57 25.74 11.45
C LYS E 409 -4.34 24.80 10.27
N ILE E 410 -5.35 24.65 9.40
CA ILE E 410 -5.22 23.80 8.23
C ILE E 410 -4.15 24.34 7.29
N ASP E 411 -4.02 25.66 7.19
CA ASP E 411 -2.97 26.25 6.37
C ASP E 411 -1.59 25.80 6.84
N GLN E 412 -1.40 25.64 8.14
CA GLN E 412 -0.15 25.14 8.68
C GLN E 412 -0.03 23.62 8.59
N CYS E 413 -1.13 22.92 8.36
CA CYS E 413 -1.05 21.47 8.17
C CYS E 413 -0.32 21.15 6.87
N ARG E 414 0.56 20.17 6.93
CA ARG E 414 1.42 19.86 5.80
C ARG E 414 1.64 18.36 5.70
N THR E 415 1.89 17.89 4.49
CA THR E 415 2.22 16.48 4.29
C THR E 415 3.64 16.21 4.72
N ILE E 416 3.82 15.25 5.62
CA ILE E 416 5.12 14.94 6.21
C ILE E 416 5.46 13.50 5.88
N PHE E 417 6.65 13.28 5.32
CA PHE E 417 7.15 11.95 5.05
C PHE E 417 8.22 11.57 6.08
N LEU E 418 8.44 10.27 6.21
CA LEU E 418 9.44 9.74 7.13
C LEU E 418 10.49 9.00 6.31
N ASN E 419 11.76 9.22 6.63
CA ASN E 419 12.86 8.67 5.85
C ASN E 419 13.72 7.76 6.71
N LYS E 420 14.28 6.73 6.06
CA LYS E 420 15.25 5.87 6.73
C LYS E 420 16.61 6.55 6.86
N GLN E 421 16.95 7.42 5.90
CA GLN E 421 18.20 8.14 5.88
C GLN E 421 17.90 9.60 5.61
N PRO E 422 18.60 10.52 6.29
CA PRO E 422 18.37 11.95 6.03
C PRO E 422 18.66 12.31 4.58
N ASN E 423 17.84 13.21 4.05
CA ASN E 423 17.95 13.61 2.66
C ASN E 423 19.16 14.54 2.48
N PRO E 424 19.58 14.77 1.24
CA PRO E 424 20.69 15.73 1.02
C PRO E 424 20.38 17.13 1.54
N ARG E 425 19.11 17.47 1.73
CA ARG E 425 18.73 18.70 2.40
C ARG E 425 18.76 18.55 3.93
N LYS E 426 19.51 17.56 4.44
CA LYS E 426 19.67 17.25 5.87
C LYS E 426 18.34 17.32 6.62
N LYS E 427 17.27 16.86 6.01
CA LYS E 427 15.98 16.73 6.69
C LYS E 427 15.57 15.26 6.76
N LEU E 428 15.00 14.89 7.90
CA LEU E 428 14.46 13.55 8.08
C LEU E 428 12.94 13.49 8.01
N LEU E 429 12.25 14.48 8.56
CA LEU E 429 10.82 14.67 8.35
C LEU E 429 10.65 15.89 7.45
N VAL E 430 10.14 15.66 6.24
CA VAL E 430 10.07 16.66 5.20
C VAL E 430 8.66 17.24 5.17
N PRO E 431 8.50 18.56 5.27
CA PRO E 431 7.16 19.14 5.10
C PRO E 431 6.88 19.53 3.67
N CYS E 432 5.66 19.23 3.24
CA CYS E 432 5.19 19.59 1.91
C CYS E 432 3.81 20.21 2.02
N ALA E 433 3.58 21.27 1.24
CA ALA E 433 2.31 21.96 1.26
C ALA E 433 1.20 21.06 0.73
N LEU E 434 0.02 21.18 1.33
CA LEU E 434 -1.14 20.41 0.90
C LEU E 434 -1.60 20.90 -0.47
N ASP E 435 -1.47 20.05 -1.47
CA ASP E 435 -1.85 20.42 -2.83
C ASP E 435 -3.36 20.64 -2.92
N PRO E 436 -3.82 21.68 -3.61
CA PRO E 436 -5.26 21.88 -3.79
C PRO E 436 -5.87 20.70 -4.54
N PRO E 437 -7.13 20.37 -4.26
CA PRO E 437 -7.74 19.21 -4.90
C PRO E 437 -7.84 19.36 -6.41
N ASN E 438 -7.64 18.25 -7.10
CA ASN E 438 -7.78 18.24 -8.55
C ASN E 438 -9.24 18.45 -8.92
N PRO E 439 -9.56 19.38 -9.83
CA PRO E 439 -10.97 19.70 -10.10
C PRO E 439 -11.74 18.58 -10.81
N ASN E 440 -11.07 17.53 -11.28
CA ASN E 440 -11.73 16.56 -12.14
C ASN E 440 -11.42 15.11 -11.74
N CYS E 441 -11.37 14.83 -10.45
CA CYS E 441 -11.25 13.43 -10.02
C CYS E 441 -12.59 12.82 -9.65
N TYR E 442 -13.68 13.57 -9.81
CA TYR E 442 -15.05 13.06 -9.76
C TYR E 442 -15.51 12.66 -8.36
N VAL E 443 -14.63 12.77 -7.36
CA VAL E 443 -15.06 12.37 -6.02
C VAL E 443 -15.04 13.55 -5.04
N CYS E 444 -14.09 14.46 -5.16
CA CYS E 444 -14.05 15.63 -4.28
C CYS E 444 -14.64 16.87 -4.93
N ALA E 445 -15.11 16.77 -6.17
CA ALA E 445 -15.71 17.91 -6.83
C ALA E 445 -17.02 18.30 -6.15
N SER E 446 -17.37 19.59 -6.24
CA SER E 446 -18.58 20.10 -5.61
C SER E 446 -19.81 19.75 -6.43
N LYS E 447 -20.02 18.44 -6.58
CA LYS E 447 -21.19 17.96 -7.30
C LYS E 447 -22.46 18.29 -6.51
N PRO E 448 -23.51 18.75 -7.19
CA PRO E 448 -24.74 19.09 -6.46
C PRO E 448 -25.35 17.88 -5.80
N GLU E 449 -25.79 18.05 -4.56
CA GLU E 449 -26.40 16.99 -3.78
C GLU E 449 -27.65 17.51 -3.09
N VAL E 450 -28.63 16.63 -2.94
CA VAL E 450 -29.83 16.89 -2.15
C VAL E 450 -30.11 15.67 -1.28
N THR E 451 -30.83 15.90 -0.19
CA THR E 451 -31.23 14.85 0.72
C THR E 451 -32.76 14.78 0.76
N VAL E 452 -33.29 13.57 0.63
CA VAL E 452 -34.73 13.34 0.58
C VAL E 452 -35.10 12.35 1.68
N ARG E 453 -36.02 12.76 2.55
CA ARG E 453 -36.53 11.86 3.57
C ARG E 453 -37.72 11.08 3.02
N LEU E 454 -37.73 9.78 3.28
CA LEU E 454 -38.75 8.90 2.74
C LEU E 454 -38.87 7.65 3.58
N ASN E 455 -40.01 6.98 3.46
CA ASN E 455 -40.29 5.73 4.14
C ASN E 455 -39.80 4.60 3.25
N VAL E 456 -38.67 4.01 3.62
CA VAL E 456 -38.00 3.02 2.77
C VAL E 456 -38.86 1.78 2.58
N HIS E 457 -39.58 1.38 3.63
CA HIS E 457 -40.30 0.11 3.62
C HIS E 457 -41.57 0.12 2.80
N LYS E 458 -42.03 1.29 2.34
CA LYS E 458 -43.25 1.34 1.53
C LYS E 458 -43.08 2.03 0.18
N VAL E 459 -42.15 2.97 0.02
CA VAL E 459 -41.95 3.58 -1.29
C VAL E 459 -41.25 2.59 -2.21
N THR E 460 -41.56 2.67 -3.50
CA THR E 460 -41.12 1.67 -4.46
C THR E 460 -40.23 2.30 -5.51
N VAL E 461 -39.65 1.44 -6.36
CA VAL E 461 -38.74 1.89 -7.41
C VAL E 461 -39.48 2.71 -8.46
N LEU E 462 -40.73 2.35 -8.76
CA LEU E 462 -41.52 3.14 -9.71
C LEU E 462 -41.63 4.59 -9.27
N THR E 463 -42.02 4.80 -8.01
CA THR E 463 -42.11 6.15 -7.47
C THR E 463 -40.76 6.83 -7.46
N LEU E 464 -39.71 6.12 -7.03
CA LEU E 464 -38.36 6.69 -7.02
C LEU E 464 -37.99 7.21 -8.41
N GLN E 465 -38.24 6.40 -9.44
CA GLN E 465 -37.85 6.77 -10.79
C GLN E 465 -38.67 7.94 -11.30
N ASP E 466 -39.99 7.87 -11.17
CA ASP E 466 -40.82 8.93 -11.75
C ASP E 466 -40.94 10.16 -10.87
N LYS E 467 -41.59 10.00 -9.70
CA LYS E 467 -42.00 11.15 -8.92
C LYS E 467 -40.81 11.90 -8.34
N ILE E 468 -39.81 11.16 -7.88
CA ILE E 468 -38.69 11.72 -7.13
C ILE E 468 -37.60 12.25 -8.05
N VAL E 469 -37.46 11.68 -9.25
CA VAL E 469 -36.34 12.04 -10.11
C VAL E 469 -36.83 12.70 -11.40
N LYS E 470 -37.75 12.04 -12.11
CA LYS E 470 -38.12 12.49 -13.44
C LYS E 470 -38.75 13.88 -13.43
N GLU E 471 -39.76 14.08 -12.58
CA GLU E 471 -40.45 15.36 -12.56
C GLU E 471 -39.88 16.29 -11.49
N LYS E 472 -39.34 15.71 -10.42
CA LYS E 472 -38.82 16.53 -9.32
C LYS E 472 -37.50 17.21 -9.70
N PHE E 473 -36.69 16.56 -10.55
CA PHE E 473 -35.39 17.12 -10.91
C PHE E 473 -35.19 17.17 -12.43
N ALA E 474 -36.28 17.09 -13.20
CA ALA E 474 -36.25 17.28 -14.65
C ALA E 474 -35.33 16.28 -15.35
N MET E 475 -35.17 15.09 -14.79
CA MET E 475 -34.38 14.06 -15.44
C MET E 475 -35.24 13.35 -16.48
N VAL E 476 -34.82 13.42 -17.75
CA VAL E 476 -35.60 12.77 -18.81
C VAL E 476 -35.14 11.34 -19.02
N ALA E 477 -33.88 11.04 -18.69
CA ALA E 477 -33.33 9.69 -18.82
C ALA E 477 -32.58 9.31 -17.55
N PRO E 478 -33.31 9.06 -16.46
CA PRO E 478 -32.64 8.73 -15.20
C PRO E 478 -32.17 7.29 -15.16
N ASP E 479 -30.95 7.11 -14.65
CA ASP E 479 -30.33 5.80 -14.49
C ASP E 479 -29.69 5.75 -13.10
N VAL E 480 -30.48 6.11 -12.08
CA VAL E 480 -29.97 6.30 -10.73
C VAL E 480 -29.14 5.09 -10.29
N GLN E 481 -28.06 5.37 -9.57
CA GLN E 481 -27.05 4.36 -9.23
C GLN E 481 -26.68 4.52 -7.76
N ILE E 482 -26.64 3.41 -7.02
CA ILE E 482 -26.33 3.41 -5.61
C ILE E 482 -24.84 3.19 -5.44
N GLU E 483 -24.16 4.11 -4.74
CA GLU E 483 -22.73 4.01 -4.49
C GLU E 483 -22.46 3.34 -3.15
N ASP E 484 -22.76 2.04 -3.09
CA ASP E 484 -22.60 1.24 -1.88
C ASP E 484 -21.15 0.88 -1.60
N GLY E 485 -20.19 1.41 -2.34
CA GLY E 485 -18.81 1.02 -2.21
C GLY E 485 -18.41 -0.15 -3.08
N LYS E 486 -19.37 -0.82 -3.72
CA LYS E 486 -19.08 -1.85 -4.70
C LYS E 486 -19.49 -1.45 -6.10
N GLY E 487 -20.64 -0.78 -6.25
CA GLY E 487 -21.05 -0.28 -7.55
C GLY E 487 -22.12 -1.10 -8.23
N THR E 488 -23.35 -0.61 -8.23
CA THR E 488 -24.43 -1.21 -8.99
C THR E 488 -25.49 -0.15 -9.29
N ILE E 489 -26.08 -0.24 -10.49
CA ILE E 489 -27.13 0.69 -10.87
C ILE E 489 -28.47 0.17 -10.39
N LEU E 490 -29.29 1.08 -9.86
CA LEU E 490 -30.62 0.70 -9.37
C LEU E 490 -31.63 0.65 -10.51
N ILE E 491 -31.66 1.67 -11.36
CA ILE E 491 -32.53 1.71 -12.52
C ILE E 491 -31.68 2.04 -13.74
N SER E 492 -32.22 1.74 -14.92
CA SER E 492 -31.54 2.02 -16.17
C SER E 492 -32.38 2.95 -17.03
N SER E 493 -31.69 3.78 -17.81
CA SER E 493 -32.39 4.65 -18.76
C SER E 493 -33.15 3.82 -19.79
N GLU E 494 -32.53 2.75 -20.28
CA GLU E 494 -33.20 1.82 -21.18
C GLU E 494 -34.15 0.97 -20.34
N GLU E 495 -35.46 1.14 -20.59
CA GLU E 495 -36.46 0.52 -19.73
C GLU E 495 -36.41 -0.99 -19.81
N GLY E 496 -35.87 -1.54 -20.90
CA GLY E 496 -35.82 -2.99 -21.07
C GLY E 496 -34.88 -3.69 -20.12
N GLU E 497 -34.10 -2.94 -19.34
CA GLU E 497 -33.08 -3.55 -18.48
C GLU E 497 -33.57 -3.74 -17.04
N THR E 498 -34.35 -2.79 -16.50
CA THR E 498 -34.75 -2.85 -15.10
C THR E 498 -36.25 -2.79 -14.86
N GLU E 499 -37.08 -2.78 -15.90
CA GLU E 499 -38.52 -2.61 -15.68
C GLU E 499 -39.11 -3.79 -14.91
N ALA E 500 -38.41 -4.92 -14.88
CA ALA E 500 -38.91 -6.09 -14.15
C ALA E 500 -38.88 -5.90 -12.64
N ASN E 501 -38.08 -4.96 -12.13
CA ASN E 501 -37.96 -4.74 -10.70
C ASN E 501 -38.43 -3.35 -10.26
N ASN E 502 -39.23 -2.68 -11.10
CA ASN E 502 -39.70 -1.35 -10.74
C ASN E 502 -40.71 -1.39 -9.60
N HIS E 503 -41.36 -2.53 -9.39
CA HIS E 503 -42.37 -2.64 -8.34
C HIS E 503 -41.78 -2.99 -6.98
N LYS E 504 -40.47 -3.18 -6.89
CA LYS E 504 -39.86 -3.54 -5.62
C LYS E 504 -39.65 -2.31 -4.75
N LYS E 505 -39.45 -2.55 -3.46
CA LYS E 505 -39.18 -1.48 -2.52
C LYS E 505 -37.69 -1.21 -2.43
N LEU E 506 -37.35 0.01 -1.96
CA LEU E 506 -35.95 0.34 -1.73
C LEU E 506 -35.37 -0.49 -0.59
N SER E 507 -36.19 -0.80 0.42
CA SER E 507 -35.75 -1.73 1.46
C SER E 507 -35.45 -3.11 0.88
N GLU E 508 -36.19 -3.51 -0.16
CA GLU E 508 -35.93 -4.79 -0.81
C GLU E 508 -34.55 -4.81 -1.48
N PHE E 509 -34.08 -3.65 -1.94
CA PHE E 509 -32.78 -3.55 -2.59
C PHE E 509 -31.67 -3.15 -1.62
N GLY E 510 -31.98 -2.99 -0.34
CA GLY E 510 -30.95 -2.73 0.65
C GLY E 510 -30.59 -1.28 0.87
N ILE E 511 -31.45 -0.35 0.46
CA ILE E 511 -31.19 1.07 0.71
C ILE E 511 -31.71 1.42 2.09
N ARG E 512 -30.81 1.48 3.07
CA ARG E 512 -31.20 1.81 4.43
C ARG E 512 -31.07 3.31 4.68
N ASN E 513 -31.28 3.70 5.93
CA ASN E 513 -31.12 5.09 6.33
C ASN E 513 -29.67 5.52 6.19
N GLY E 514 -29.47 6.75 5.70
CA GLY E 514 -28.14 7.25 5.48
C GLY E 514 -27.50 6.83 4.17
N SER E 515 -28.19 6.03 3.36
CA SER E 515 -27.65 5.64 2.07
C SER E 515 -27.70 6.81 1.09
N ARG E 516 -27.04 6.64 -0.04
CA ARG E 516 -26.99 7.69 -1.05
C ARG E 516 -26.95 7.08 -2.43
N LEU E 517 -27.52 7.80 -3.40
CA LEU E 517 -27.59 7.36 -4.78
C LEU E 517 -27.05 8.46 -5.69
N GLN E 518 -26.59 8.04 -6.87
CA GLN E 518 -26.13 8.97 -7.90
C GLN E 518 -27.07 8.87 -9.10
N ALA E 519 -27.59 10.02 -9.53
CA ALA E 519 -28.49 10.08 -10.67
C ALA E 519 -27.81 10.82 -11.82
N ASP E 520 -28.24 10.50 -13.03
CA ASP E 520 -27.62 11.05 -14.23
C ASP E 520 -28.64 11.00 -15.36
N ASP E 521 -28.34 11.72 -16.44
CA ASP E 521 -29.24 11.78 -17.59
C ASP E 521 -28.43 11.69 -18.87
N PHE E 522 -29.02 11.06 -19.89
CA PHE E 522 -28.35 10.92 -21.18
C PHE E 522 -28.59 12.11 -22.09
N LEU E 523 -29.53 12.99 -21.74
CA LEU E 523 -29.86 14.12 -22.59
C LEU E 523 -29.69 15.43 -21.83
N GLN E 524 -30.03 15.44 -20.54
CA GLN E 524 -29.79 16.63 -19.74
C GLN E 524 -28.33 16.75 -19.35
N ASP E 525 -27.58 15.64 -19.45
CA ASP E 525 -26.14 15.56 -19.14
C ASP E 525 -25.76 16.38 -17.90
N TYR E 526 -26.55 16.25 -16.85
CA TYR E 526 -26.24 16.86 -15.57
C TYR E 526 -26.54 15.83 -14.47
N THR E 527 -25.60 15.68 -13.55
CA THR E 527 -25.74 14.69 -12.49
C THR E 527 -26.33 15.32 -11.24
N LEU E 528 -27.00 14.49 -10.44
CA LEU E 528 -27.58 14.92 -9.19
C LEU E 528 -27.50 13.78 -8.19
N LEU E 529 -27.13 14.10 -6.95
CA LEU E 529 -26.91 13.11 -5.92
C LEU E 529 -28.06 13.12 -4.93
N ILE E 530 -28.55 11.94 -4.59
CA ILE E 530 -29.67 11.78 -3.65
C ILE E 530 -29.12 11.20 -2.36
N ASN E 531 -29.48 11.81 -1.24
CA ASN E 531 -29.15 11.29 0.09
C ASN E 531 -30.42 10.78 0.75
N ILE E 532 -30.37 9.57 1.30
CA ILE E 532 -31.54 8.88 1.82
C ILE E 532 -31.60 9.06 3.33
N LEU E 533 -32.73 9.56 3.81
CA LEU E 533 -33.04 9.59 5.24
C LEU E 533 -34.36 8.89 5.45
N HIS E 534 -34.38 7.90 6.34
CA HIS E 534 -35.61 7.20 6.64
C HIS E 534 -36.48 8.06 7.55
N SER E 535 -37.75 8.21 7.17
CA SER E 535 -38.66 9.08 7.90
C SER E 535 -40.06 8.45 7.86
N GLU E 536 -40.39 7.73 8.94
CA GLU E 536 -41.74 7.17 9.06
C GLU E 536 -42.78 8.26 9.28
N ASP E 537 -42.38 9.38 9.89
CA ASP E 537 -43.28 10.45 10.27
C ASP E 537 -43.90 11.18 9.08
N LEU E 538 -43.58 10.80 7.84
CA LEU E 538 -44.15 11.48 6.68
C LEU E 538 -45.64 11.21 6.52
N GLY E 539 -46.19 10.25 7.24
CA GLY E 539 -47.61 10.00 7.17
C GLY E 539 -48.00 9.22 5.92
N LYS E 540 -49.28 9.29 5.59
CA LYS E 540 -49.85 8.52 4.48
C LYS E 540 -50.02 9.34 3.21
N ASP E 541 -50.26 10.65 3.33
CA ASP E 541 -50.51 11.50 2.17
C ASP E 541 -49.31 11.61 1.24
N VAL E 542 -48.09 11.49 1.76
CA VAL E 542 -46.88 11.58 0.95
C VAL E 542 -45.92 10.49 1.39
N GLU E 543 -45.02 10.11 0.48
CA GLU E 543 -44.02 9.09 0.76
C GLU E 543 -42.60 9.63 0.75
N PHE E 544 -42.41 10.90 0.41
CA PHE E 544 -41.08 11.48 0.30
C PHE E 544 -41.13 12.97 0.60
N GLU E 545 -39.96 13.54 0.84
CA GLU E 545 -39.82 14.98 0.99
C GLU E 545 -38.34 15.34 0.87
N VAL E 546 -38.05 16.31 0.03
CA VAL E 546 -36.68 16.82 -0.10
C VAL E 546 -36.44 17.89 0.95
N VAL E 547 -35.33 17.78 1.67
CA VAL E 547 -35.02 18.75 2.72
C VAL E 547 -34.46 20.02 2.07
N GLY E 548 -35.06 21.15 2.41
CA GLY E 548 -34.63 22.42 1.85
C GLY E 548 -33.29 22.88 2.38
P AMP F . -1.37 -3.59 10.50
O1P AMP F . -1.78 -4.28 11.78
O2P AMP F . -0.25 -4.29 9.76
O3P AMP F . -1.21 -2.10 10.61
O5' AMP F . -2.63 -3.79 9.53
C5' AMP F . -3.59 -2.76 9.37
C4' AMP F . -4.65 -2.81 10.45
O4' AMP F . -5.91 -2.33 9.89
C3' AMP F . -4.94 -4.20 11.00
O3' AMP F . -5.24 -4.10 12.39
C2' AMP F . -6.19 -4.62 10.25
O2' AMP F . -6.99 -5.58 10.91
C1' AMP F . -6.91 -3.29 10.09
N9 AMP F . -7.84 -3.24 8.96
C8 AMP F . -7.51 -3.37 7.66
N7 AMP F . -8.61 -3.28 6.87
C5 AMP F . -9.68 -3.10 7.67
C6 AMP F . -11.13 -2.93 7.49
N6 AMP F . -11.68 -2.94 6.25
N1 AMP F . -11.89 -2.76 8.59
C2 AMP F . -11.35 -2.75 9.82
N3 AMP F . -10.03 -2.90 10.07
C4 AMP F . -9.16 -3.07 9.05
ZN ZN G . -10.12 14.67 -5.26
#